data_6FDM
#
_entry.id   6FDM
#
_cell.length_a   66.920
_cell.length_b   98.327
_cell.length_c   117.069
_cell.angle_alpha   90.00
_cell.angle_beta   95.22
_cell.angle_gamma   90.00
#
_symmetry.space_group_name_H-M   'P 1 21 1'
#
loop_
_entity.id
_entity.type
_entity.pdbx_description
1 polymer 'Serine/threonine-protein kinase RIO2'
2 non-polymer 'PHOSPHOAMINOPHOSPHONIC ACID-ADENYLATE ESTER'
3 non-polymer 'SODIUM ION'
4 water water
#
_entity_poly.entity_id   1
_entity_poly.type   'polypeptide(L)'
_entity_poly.pdbx_seq_one_letter_code
;MGKVNVAKLRYMSRDDFRVLTAVEMGMKNHEIVPGSLIASIASLKHGGCNKVLRELVKHKLIAWERTKTVQGYRLTNAGY
DYLALKTLSSRQVVESVGNQMGVGKESDIYIVANEEGQQFALKLHRLGRTSFRNLKNKRDYHKHRHNVSWLYLSRLSAMK
EFAYMKALYERKFPVPKPIDYNRHAVVMELINGYPLCQIHHVEDPASVYDEAMELIVKLANHGLIHGDFNEFNLILDESD
HITMIDFPQMVSTSHPNAEWYFDRDVKCIKDFFMKRFSYESELFPTFKDIRREDTLDVEVSASGYTKEMQADD
;
_entity_poly.pdbx_strand_id   A,B,C,D
#
loop_
_chem_comp.id
_chem_comp.type
_chem_comp.name
_chem_comp.formula
ANP non-polymer 'PHOSPHOAMINOPHOSPHONIC ACID-ADENYLATE ESTER' 'C10 H17 N6 O12 P3'
NA non-polymer 'SODIUM ION' 'Na 1'
#
# COMPACT_ATOMS: atom_id res chain seq x y z
N VAL A 6 47.44 31.93 38.88
CA VAL A 6 46.21 32.27 38.16
C VAL A 6 46.50 32.83 36.75
N ALA A 7 47.81 32.94 36.38
CA ALA A 7 48.28 33.45 35.07
C ALA A 7 47.59 32.74 33.88
N LYS A 8 47.33 31.41 34.00
CA LYS A 8 46.66 30.62 32.96
C LYS A 8 45.23 31.07 32.69
N LEU A 9 44.60 31.75 33.68
CA LEU A 9 43.22 32.21 33.54
C LEU A 9 43.11 33.69 33.10
N ARG A 10 44.23 34.35 32.71
CA ARG A 10 44.22 35.76 32.31
C ARG A 10 43.30 36.10 31.12
N TYR A 11 43.20 35.22 30.12
CA TYR A 11 42.32 35.47 28.98
C TYR A 11 40.84 35.45 29.40
N MET A 12 40.49 34.74 30.50
CA MET A 12 39.09 34.68 31.01
C MET A 12 38.73 35.97 31.74
N SER A 13 39.72 36.80 32.02
CA SER A 13 39.53 38.05 32.72
C SER A 13 39.36 39.22 31.76
N ARG A 14 39.59 39.00 30.43
CA ARG A 14 39.47 40.13 29.50
C ARG A 14 38.05 40.65 29.33
N ASP A 15 37.90 41.88 28.87
CA ASP A 15 36.57 42.48 28.76
C ASP A 15 35.64 41.74 27.78
N ASP A 16 36.14 41.33 26.61
CA ASP A 16 35.34 40.61 25.63
C ASP A 16 34.81 39.28 26.15
N PHE A 17 35.63 38.56 26.96
CA PHE A 17 35.23 37.31 27.59
C PHE A 17 34.16 37.60 28.65
N ARG A 18 34.34 38.66 29.45
CA ARG A 18 33.41 39.11 30.50
C ARG A 18 32.03 39.45 29.94
N VAL A 19 32.00 40.21 28.83
CA VAL A 19 30.78 40.63 28.15
C VAL A 19 30.11 39.41 27.49
N LEU A 20 30.90 38.52 26.85
CA LEU A 20 30.38 37.28 26.26
C LEU A 20 29.73 36.40 27.33
N THR A 21 30.37 36.29 28.50
CA THR A 21 29.85 35.57 29.66
C THR A 21 28.56 36.24 30.15
N ALA A 22 28.49 37.59 30.13
CA ALA A 22 27.31 38.35 30.56
C ALA A 22 26.12 38.06 29.62
N VAL A 23 26.36 37.94 28.30
CA VAL A 23 25.31 37.61 27.31
C VAL A 23 24.81 36.17 27.60
N GLU A 24 25.73 35.23 27.88
CA GLU A 24 25.42 33.84 28.23
C GLU A 24 24.55 33.78 29.50
N MET A 25 24.93 34.54 30.54
CA MET A 25 24.21 34.67 31.81
C MET A 25 22.79 35.19 31.63
N GLY A 26 22.58 36.23 30.83
CA GLY A 26 21.26 36.79 30.58
C GLY A 26 20.40 35.84 29.76
N MET A 27 21.06 35.03 28.92
CA MET A 27 20.37 34.07 28.10
C MET A 27 19.71 32.90 28.85
N LYS A 28 19.96 32.82 30.18
CA LYS A 28 19.36 31.80 31.03
C LYS A 28 17.85 32.04 31.24
N ASN A 29 17.40 33.32 31.23
CA ASN A 29 16.01 33.77 31.43
C ASN A 29 15.49 34.64 30.29
N HIS A 30 16.34 35.01 29.31
CA HIS A 30 15.94 35.89 28.21
C HIS A 30 16.36 35.33 26.89
N GLU A 31 15.45 35.36 25.96
CA GLU A 31 15.60 34.90 24.59
C GLU A 31 16.52 35.89 23.83
N ILE A 32 16.41 37.19 24.16
CA ILE A 32 17.19 38.31 23.62
C ILE A 32 17.65 39.13 24.86
N VAL A 33 18.97 39.36 25.01
CA VAL A 33 19.50 40.09 26.18
C VAL A 33 19.71 41.61 25.89
N PRO A 34 18.95 42.49 26.58
CA PRO A 34 19.14 43.94 26.38
C PRO A 34 20.53 44.38 26.83
N GLY A 35 21.10 45.36 26.12
CA GLY A 35 22.45 45.88 26.38
C GLY A 35 22.65 46.37 27.80
N SER A 36 21.60 46.96 28.39
CA SER A 36 21.60 47.48 29.76
C SER A 36 21.81 46.34 30.76
N LEU A 37 21.22 45.17 30.48
CA LEU A 37 21.36 43.98 31.32
C LEU A 37 22.75 43.38 31.16
N ILE A 38 23.26 43.30 29.92
CA ILE A 38 24.62 42.80 29.63
C ILE A 38 25.61 43.66 30.41
N ALA A 39 25.48 45.01 30.33
CA ALA A 39 26.35 45.98 31.01
C ALA A 39 26.33 45.82 32.53
N SER A 40 25.12 45.65 33.10
CA SER A 40 24.89 45.43 34.52
C SER A 40 25.57 44.13 35.00
N ILE A 41 25.41 43.02 34.23
CA ILE A 41 26.02 41.71 34.56
C ILE A 41 27.54 41.77 34.41
N ALA A 42 28.05 42.29 33.27
CA ALA A 42 29.48 42.39 32.98
C ALA A 42 30.23 43.19 34.03
N SER A 43 29.61 44.28 34.54
CA SER A 43 30.18 45.17 35.56
C SER A 43 31.65 45.53 35.26
N LEU A 44 31.90 46.01 34.04
CA LEU A 44 33.23 46.42 33.59
C LEU A 44 33.68 47.66 34.38
N GLY A 47 30.69 53.36 29.96
CA GLY A 47 31.89 52.53 30.10
C GLY A 47 32.23 51.75 28.84
N GLY A 48 33.21 50.84 28.97
CA GLY A 48 33.71 50.04 27.85
C GLY A 48 32.73 49.06 27.21
N CYS A 49 31.56 48.81 27.84
CA CYS A 49 30.62 47.82 27.32
C CYS A 49 30.22 47.86 25.85
N ASN A 50 29.70 49.02 25.37
CA ASN A 50 29.24 49.22 23.99
C ASN A 50 30.32 48.94 22.95
N LYS A 51 31.57 49.36 23.23
CA LYS A 51 32.71 49.14 22.34
C LYS A 51 32.99 47.64 22.25
N VAL A 52 32.91 46.93 23.40
CA VAL A 52 33.07 45.48 23.46
C VAL A 52 31.96 44.79 22.67
N LEU A 53 30.71 45.22 22.87
CA LEU A 53 29.55 44.64 22.15
C LEU A 53 29.73 44.78 20.63
N ARG A 54 30.18 45.96 20.14
CA ARG A 54 30.41 46.21 18.71
C ARG A 54 31.50 45.31 18.11
N GLU A 55 32.61 45.06 18.86
CA GLU A 55 33.65 44.13 18.42
C GLU A 55 33.16 42.67 18.40
N LEU A 56 32.33 42.27 19.38
CA LEU A 56 31.77 40.91 19.48
C LEU A 56 30.82 40.65 18.28
N VAL A 57 30.06 41.69 17.85
CA VAL A 57 29.16 41.68 16.69
C VAL A 57 30.00 41.57 15.39
N LYS A 58 31.07 42.39 15.28
CA LYS A 58 32.02 42.39 14.16
C LYS A 58 32.64 40.98 13.96
N HIS A 59 33.03 40.32 15.08
CA HIS A 59 33.60 38.98 15.08
C HIS A 59 32.55 37.86 15.04
N LYS A 60 31.27 38.23 14.88
CA LYS A 60 30.10 37.33 14.78
C LYS A 60 29.91 36.39 15.98
N LEU A 61 30.36 36.83 17.17
CA LEU A 61 30.28 36.07 18.43
C LEU A 61 28.91 36.29 19.06
N ILE A 62 28.30 37.45 18.78
CA ILE A 62 26.94 37.77 19.21
C ILE A 62 26.19 38.35 18.01
N ALA A 63 24.86 38.36 18.07
CA ALA A 63 24.01 38.91 17.03
C ALA A 63 23.00 39.83 17.68
N TRP A 64 22.69 40.95 17.03
CA TRP A 64 21.68 41.88 17.53
C TRP A 64 20.31 41.41 17.02
N GLU A 65 19.29 41.49 17.88
CA GLU A 65 17.92 41.07 17.56
C GLU A 65 16.90 42.07 18.06
N ARG A 66 15.95 42.43 17.18
CA ARG A 66 14.85 43.35 17.41
C ARG A 66 13.54 42.57 17.36
N THR A 67 12.71 42.75 18.37
CA THR A 67 11.37 42.19 18.53
C THR A 67 10.44 43.40 18.65
N LYS A 68 9.12 43.19 18.45
CA LYS A 68 8.10 44.23 18.55
C LYS A 68 7.99 44.79 19.98
N THR A 69 8.66 44.15 20.98
CA THR A 69 8.66 44.59 22.38
C THR A 69 10.04 44.64 23.07
N VAL A 70 11.07 44.02 22.46
CA VAL A 70 12.43 43.98 23.04
C VAL A 70 13.55 44.07 21.97
N GLN A 71 14.71 44.62 22.37
CA GLN A 71 15.91 44.73 21.56
C GLN A 71 17.06 44.25 22.41
N GLY A 72 18.01 43.58 21.76
CA GLY A 72 19.20 43.13 22.46
C GLY A 72 20.03 42.15 21.67
N TYR A 73 20.87 41.41 22.40
CA TYR A 73 21.81 40.46 21.83
C TYR A 73 21.61 39.07 22.29
N ARG A 74 22.04 38.15 21.43
CA ARG A 74 22.08 36.72 21.66
C ARG A 74 23.47 36.25 21.33
N LEU A 75 23.95 35.30 22.08
CA LEU A 75 25.20 34.62 21.84
C LEU A 75 24.99 33.83 20.53
N THR A 76 25.97 33.82 19.62
CA THR A 76 25.83 32.97 18.42
C THR A 76 26.51 31.63 18.74
N ASN A 77 26.42 30.65 17.80
CA ASN A 77 27.15 29.39 17.92
C ASN A 77 28.64 29.63 18.00
N ALA A 78 29.17 30.59 17.18
CA ALA A 78 30.59 30.95 17.24
C ALA A 78 30.95 31.55 18.63
N GLY A 79 30.04 32.35 19.21
CA GLY A 79 30.20 32.94 20.54
C GLY A 79 30.23 31.93 21.66
N TYR A 80 29.37 30.88 21.58
CA TYR A 80 29.29 29.80 22.57
C TYR A 80 30.58 28.96 22.42
N ASP A 81 30.94 28.62 21.16
CA ASP A 81 32.17 27.88 20.87
C ASP A 81 33.37 28.60 21.45
N TYR A 82 33.40 29.96 21.29
CA TYR A 82 34.49 30.80 21.79
C TYR A 82 34.62 30.66 23.29
N LEU A 83 33.52 30.72 24.04
CA LEU A 83 33.56 30.62 25.50
C LEU A 83 34.12 29.27 25.92
N ALA A 84 33.63 28.18 25.30
CA ALA A 84 34.05 26.84 25.64
C ALA A 84 35.53 26.62 25.28
N LEU A 85 35.94 27.01 24.06
CA LEU A 85 37.29 26.84 23.54
C LEU A 85 38.35 27.61 24.28
N LYS A 86 38.00 28.84 24.72
CA LYS A 86 38.90 29.66 25.52
C LYS A 86 39.05 29.07 26.91
N THR A 87 37.96 28.48 27.47
CA THR A 87 38.01 27.81 28.78
C THR A 87 38.94 26.60 28.69
N LEU A 88 38.81 25.79 27.63
CA LEU A 88 39.64 24.59 27.37
C LEU A 88 41.09 24.94 27.09
N SER A 89 41.31 26.12 26.46
CA SER A 89 42.66 26.65 26.19
C SER A 89 43.34 27.02 27.52
N SER A 90 42.60 27.64 28.46
CA SER A 90 43.14 28.02 29.77
C SER A 90 43.62 26.80 30.58
N ARG A 91 42.96 25.64 30.36
CA ARG A 91 43.29 24.37 31.02
C ARG A 91 44.37 23.62 30.26
N GLN A 92 44.86 24.17 29.12
CA GLN A 92 45.88 23.56 28.23
C GLN A 92 45.37 22.29 27.51
N VAL A 93 44.04 22.12 27.43
CA VAL A 93 43.41 20.96 26.78
C VAL A 93 43.36 21.19 25.25
N VAL A 94 42.98 22.40 24.80
CA VAL A 94 42.87 22.74 23.38
C VAL A 94 43.67 24.01 23.09
N GLU A 95 44.61 23.94 22.15
CA GLU A 95 45.39 25.10 21.72
C GLU A 95 44.92 25.57 20.35
N SER A 96 44.59 24.62 19.45
CA SER A 96 44.15 24.91 18.09
C SER A 96 43.02 24.00 17.67
N VAL A 97 42.14 24.53 16.80
CA VAL A 97 40.97 23.82 16.26
C VAL A 97 41.21 23.71 14.77
N GLY A 98 41.12 22.49 14.27
CA GLY A 98 41.32 22.21 12.86
C GLY A 98 40.02 22.14 12.09
N ASN A 99 40.07 21.31 11.07
CA ASN A 99 38.95 21.04 10.17
C ASN A 99 37.82 20.31 10.87
N GLN A 100 36.56 20.58 10.44
CA GLN A 100 35.38 19.84 10.91
C GLN A 100 35.46 18.49 10.23
N MET A 101 35.52 17.47 11.02
CA MET A 101 35.64 16.16 10.44
C MET A 101 34.33 15.49 10.14
N GLY A 102 33.31 15.74 10.95
CA GLY A 102 32.01 15.14 10.76
C GLY A 102 30.93 15.70 11.66
N VAL A 103 29.89 14.90 11.83
CA VAL A 103 28.72 15.28 12.60
C VAL A 103 28.22 14.12 13.43
N GLY A 104 27.66 14.43 14.59
CA GLY A 104 26.93 13.50 15.42
C GLY A 104 25.47 13.84 15.18
N LYS A 105 24.51 13.17 15.83
CA LYS A 105 23.10 13.50 15.63
C LYS A 105 22.81 14.98 15.99
N GLU A 106 23.43 15.48 17.08
CA GLU A 106 23.22 16.84 17.60
C GLU A 106 24.54 17.53 17.97
N SER A 107 25.58 17.31 17.16
CA SER A 107 26.88 17.89 17.40
C SER A 107 27.72 17.93 16.14
N ASP A 108 28.72 18.81 16.15
CA ASP A 108 29.74 18.96 15.12
C ASP A 108 31.05 18.42 15.71
N ILE A 109 31.81 17.69 14.87
CA ILE A 109 33.06 17.06 15.29
C ILE A 109 34.25 17.69 14.60
N TYR A 110 35.28 18.06 15.36
CA TYR A 110 36.50 18.68 14.86
C TYR A 110 37.71 17.99 15.44
N ILE A 111 38.85 18.12 14.74
CA ILE A 111 40.15 17.67 15.23
C ILE A 111 40.69 18.90 15.94
N VAL A 112 41.24 18.70 17.14
CA VAL A 112 41.86 19.78 17.89
C VAL A 112 43.27 19.32 18.29
N ALA A 113 44.13 20.26 18.65
CA ALA A 113 45.46 19.92 19.12
C ALA A 113 45.71 20.68 20.43
N ASN A 114 46.42 20.02 21.35
CA ASN A 114 46.86 20.65 22.59
C ASN A 114 48.21 21.39 22.27
N GLU A 115 48.84 22.05 23.25
CA GLU A 115 50.10 22.77 23.05
C GLU A 115 51.21 21.89 22.49
N GLU A 116 51.28 20.62 22.94
CA GLU A 116 52.28 19.63 22.52
C GLU A 116 52.11 19.16 21.07
N GLY A 117 50.95 19.43 20.47
CA GLY A 117 50.65 19.06 19.10
C GLY A 117 49.94 17.73 18.96
N GLN A 118 49.64 17.06 20.10
CA GLN A 118 48.90 15.80 20.12
C GLN A 118 47.44 16.13 19.73
N GLN A 119 46.87 15.33 18.83
CA GLN A 119 45.52 15.52 18.31
C GLN A 119 44.44 14.77 19.08
N PHE A 120 43.26 15.40 19.20
CA PHE A 120 42.07 14.90 19.91
C PHE A 120 40.85 15.23 19.09
N ALA A 121 39.72 14.65 19.49
CA ALA A 121 38.46 14.95 18.83
C ALA A 121 37.69 15.90 19.75
N LEU A 122 37.05 16.90 19.14
CA LEU A 122 36.22 17.87 19.83
C LEU A 122 34.81 17.72 19.29
N LYS A 123 33.85 17.55 20.20
CA LYS A 123 32.46 17.53 19.82
C LYS A 123 31.77 18.74 20.40
N LEU A 124 31.20 19.58 19.55
CA LEU A 124 30.44 20.77 19.99
C LEU A 124 28.96 20.46 19.77
N HIS A 125 28.22 20.33 20.88
CA HIS A 125 26.80 19.95 20.88
C HIS A 125 25.92 21.14 20.56
N ARG A 126 24.90 20.93 19.70
CA ARG A 126 24.00 22.00 19.24
C ARG A 126 22.59 21.42 19.21
N LEU A 127 21.78 21.79 20.21
CA LEU A 127 20.43 21.25 20.39
C LEU A 127 19.52 22.37 20.86
N GLY A 128 18.28 22.38 20.37
CA GLY A 128 17.29 23.39 20.74
C GLY A 128 16.90 24.30 19.59
N ARG A 129 15.62 24.66 19.54
CA ARG A 129 15.03 25.47 18.45
C ARG A 129 14.55 26.84 18.93
N THR A 130 14.83 27.17 20.18
CA THR A 130 14.58 28.50 20.71
C THR A 130 15.90 29.03 21.24
N ASN A 147 16.65 30.48 21.70
CA ASN A 147 17.97 30.85 22.22
C ASN A 147 18.13 30.22 23.62
N VAL A 148 17.08 30.28 24.45
CA VAL A 148 17.07 29.76 25.83
C VAL A 148 17.24 28.24 25.91
N SER A 149 16.47 27.49 25.10
CA SER A 149 16.61 26.03 25.13
C SER A 149 17.87 25.60 24.40
N TRP A 150 18.32 26.39 23.40
CA TRP A 150 19.59 26.09 22.72
C TRP A 150 20.77 26.18 23.70
N LEU A 151 20.78 27.21 24.56
CA LEU A 151 21.86 27.39 25.52
C LEU A 151 21.93 26.19 26.50
N TYR A 152 20.77 25.87 27.10
CA TYR A 152 20.61 24.81 28.08
C TYR A 152 20.77 23.39 27.53
N LEU A 153 20.06 23.06 26.44
CA LEU A 153 20.10 21.73 25.84
C LEU A 153 21.44 21.35 25.27
N SER A 154 22.16 22.31 24.65
CA SER A 154 23.50 22.05 24.07
C SER A 154 24.47 21.67 25.16
N ARG A 155 24.40 22.39 26.31
CA ARG A 155 25.22 22.13 27.47
C ARG A 155 24.87 20.75 28.06
N LEU A 156 23.57 20.48 28.25
CA LEU A 156 23.13 19.20 28.80
C LEU A 156 23.49 18.00 27.93
N SER A 157 23.39 18.18 26.61
CA SER A 157 23.74 17.12 25.65
C SER A 157 25.24 16.77 25.77
N ALA A 158 26.11 17.80 25.96
CA ALA A 158 27.56 17.57 26.08
C ALA A 158 27.87 16.90 27.42
N MET A 159 27.20 17.35 28.51
CA MET A 159 27.33 16.85 29.87
C MET A 159 26.99 15.37 29.90
N LYS A 160 25.85 14.99 29.26
CA LYS A 160 25.36 13.62 29.17
C LYS A 160 26.36 12.73 28.41
N GLU A 161 26.90 13.24 27.29
CA GLU A 161 27.86 12.51 26.49
C GLU A 161 29.14 12.22 27.31
N PHE A 162 29.65 13.24 28.00
CA PHE A 162 30.85 13.07 28.83
C PHE A 162 30.60 12.06 29.95
N ALA A 163 29.46 12.18 30.66
CA ALA A 163 29.11 11.27 31.75
C ALA A 163 28.93 9.81 31.26
N TYR A 164 28.22 9.61 30.13
CA TYR A 164 28.05 8.26 29.56
C TYR A 164 29.32 7.73 28.95
N MET A 165 30.13 8.57 28.32
CA MET A 165 31.39 8.12 27.74
C MET A 165 32.32 7.66 28.85
N LYS A 166 32.32 8.37 29.99
CA LYS A 166 33.16 8.01 31.13
C LYS A 166 32.70 6.67 31.72
N ALA A 167 31.37 6.53 31.95
CA ALA A 167 30.74 5.33 32.50
C ALA A 167 30.96 4.11 31.57
N LEU A 168 30.88 4.29 30.25
CA LEU A 168 31.10 3.22 29.27
C LEU A 168 32.58 2.87 29.15
N TYR A 169 33.46 3.88 29.08
CA TYR A 169 34.91 3.64 28.99
C TYR A 169 35.46 2.85 30.19
N GLU A 170 34.94 3.11 31.40
CA GLU A 170 35.34 2.42 32.63
C GLU A 170 34.85 0.97 32.65
N ARG A 171 33.82 0.66 31.85
CA ARG A 171 33.29 -0.70 31.71
C ARG A 171 33.87 -1.43 30.49
N LYS A 172 34.99 -0.92 29.97
CA LYS A 172 35.70 -1.48 28.82
C LYS A 172 34.87 -1.54 27.52
N PHE A 173 33.95 -0.59 27.33
CA PHE A 173 33.19 -0.48 26.09
C PHE A 173 34.08 0.19 25.02
N PRO A 174 33.92 -0.13 23.72
CA PRO A 174 34.72 0.56 22.68
C PRO A 174 34.15 1.97 22.36
N VAL A 175 34.53 2.93 23.20
CA VAL A 175 34.15 4.34 23.10
C VAL A 175 35.47 5.14 23.19
N PRO A 176 35.56 6.38 22.68
CA PRO A 176 36.80 7.14 22.86
C PRO A 176 37.03 7.43 24.36
N LYS A 177 38.28 7.57 24.78
CA LYS A 177 38.54 7.94 26.16
C LYS A 177 38.11 9.40 26.35
N PRO A 178 37.25 9.73 27.35
CA PRO A 178 36.85 11.14 27.55
C PRO A 178 37.98 11.93 28.21
N ILE A 179 38.26 13.14 27.72
CA ILE A 179 39.40 13.93 28.22
C ILE A 179 38.91 15.10 29.07
N ASP A 180 38.03 15.94 28.49
CA ASP A 180 37.53 17.11 29.20
C ASP A 180 36.19 17.53 28.68
N TYR A 181 35.59 18.44 29.41
CA TYR A 181 34.28 18.97 29.17
C TYR A 181 34.22 20.44 29.60
N ASN A 182 33.46 21.26 28.86
CA ASN A 182 33.04 22.61 29.20
C ASN A 182 31.87 23.02 28.34
N ARG A 183 30.79 23.48 28.98
CA ARG A 183 29.57 23.97 28.33
C ARG A 183 29.00 22.93 27.38
N HIS A 184 28.93 23.22 26.08
CA HIS A 184 28.43 22.32 25.03
C HIS A 184 29.60 21.51 24.37
N ALA A 185 30.83 21.61 24.90
CA ALA A 185 32.05 21.00 24.32
C ALA A 185 32.54 19.79 25.07
N VAL A 186 32.92 18.73 24.33
CA VAL A 186 33.49 17.49 24.86
C VAL A 186 34.78 17.24 24.09
N VAL A 187 35.86 17.03 24.82
CA VAL A 187 37.18 16.69 24.26
C VAL A 187 37.39 15.23 24.58
N MET A 188 37.78 14.44 23.58
CA MET A 188 37.98 13.01 23.74
C MET A 188 39.10 12.54 22.84
N GLU A 189 39.45 11.28 23.01
CA GLU A 189 40.46 10.57 22.22
C GLU A 189 40.10 10.60 20.74
N LEU A 190 41.07 10.89 19.87
CA LEU A 190 40.86 10.86 18.43
C LEU A 190 41.09 9.41 17.99
N ILE A 191 40.07 8.76 17.43
CA ILE A 191 40.19 7.38 16.97
C ILE A 191 40.86 7.39 15.60
N ASN A 192 41.86 6.54 15.37
CA ASN A 192 42.51 6.48 14.07
C ASN A 192 41.71 5.55 13.17
N GLY A 193 40.70 6.08 12.51
CA GLY A 193 39.84 5.32 11.61
C GLY A 193 38.84 6.19 10.88
N TYR A 194 37.83 5.59 10.25
CA TYR A 194 36.84 6.30 9.47
C TYR A 194 35.46 5.82 9.81
N PRO A 195 34.39 6.64 9.68
CA PRO A 195 33.05 6.10 9.94
C PRO A 195 32.77 5.05 8.91
N LEU A 196 32.06 4.01 9.33
CA LEU A 196 31.67 2.88 8.52
C LEU A 196 31.02 3.32 7.19
N CYS A 197 30.25 4.44 7.19
CA CYS A 197 29.60 5.01 5.99
C CYS A 197 30.59 5.37 4.89
N GLN A 198 31.82 5.72 5.25
CA GLN A 198 32.87 6.08 4.27
C GLN A 198 33.72 4.88 3.82
N ILE A 199 33.43 3.68 4.34
CA ILE A 199 34.17 2.47 4.00
C ILE A 199 33.41 1.65 2.94
N HIS A 200 34.05 1.43 1.79
CA HIS A 200 33.42 0.66 0.71
C HIS A 200 33.97 -0.76 0.56
N HIS A 201 35.13 -1.01 1.18
CA HIS A 201 35.75 -2.34 1.18
C HIS A 201 36.33 -2.68 2.54
N VAL A 202 36.03 -3.90 3.00
CA VAL A 202 36.52 -4.47 4.24
C VAL A 202 36.98 -5.91 3.96
N GLU A 203 38.11 -6.34 4.57
CA GLU A 203 38.71 -7.66 4.36
C GLU A 203 37.76 -8.80 4.70
N ASP A 204 37.07 -8.71 5.85
CA ASP A 204 36.14 -9.74 6.31
C ASP A 204 34.86 -9.09 6.82
N PRO A 205 33.83 -8.90 5.95
CA PRO A 205 32.57 -8.26 6.40
C PRO A 205 31.89 -8.96 7.58
N ALA A 206 31.98 -10.32 7.64
CA ALA A 206 31.40 -11.14 8.70
C ALA A 206 31.92 -10.77 10.09
N SER A 207 33.25 -10.52 10.22
CA SER A 207 33.88 -10.16 11.49
C SER A 207 33.43 -8.78 11.98
N VAL A 208 33.32 -7.81 11.05
CA VAL A 208 32.89 -6.44 11.40
C VAL A 208 31.41 -6.46 11.81
N TYR A 209 30.57 -7.25 11.08
CA TYR A 209 29.14 -7.42 11.36
C TYR A 209 28.99 -8.03 12.76
N ASP A 210 29.77 -9.10 13.06
CA ASP A 210 29.77 -9.76 14.38
C ASP A 210 30.19 -8.80 15.49
N GLU A 211 31.17 -7.91 15.22
CA GLU A 211 31.65 -6.93 16.17
C GLU A 211 30.60 -5.86 16.47
N ALA A 212 29.85 -5.43 15.44
CA ALA A 212 28.77 -4.45 15.60
C ALA A 212 27.62 -5.07 16.39
N MET A 213 27.25 -6.32 16.08
CA MET A 213 26.20 -7.06 16.79
C MET A 213 26.56 -7.30 18.26
N GLU A 214 27.84 -7.63 18.55
CA GLU A 214 28.37 -7.85 19.92
C GLU A 214 28.26 -6.56 20.74
N LEU A 215 28.43 -5.39 20.11
CA LEU A 215 28.31 -4.09 20.77
C LEU A 215 26.85 -3.83 21.22
N ILE A 216 25.89 -4.13 20.34
CA ILE A 216 24.46 -4.05 20.67
C ILE A 216 24.16 -4.94 21.90
N VAL A 217 24.69 -6.20 21.91
CA VAL A 217 24.48 -7.18 22.99
C VAL A 217 25.10 -6.67 24.30
N LYS A 218 26.38 -6.22 24.27
CA LYS A 218 27.09 -5.71 25.46
C LYS A 218 26.34 -4.52 26.08
N LEU A 219 25.87 -3.58 25.22
CA LEU A 219 25.08 -2.44 25.68
C LEU A 219 23.85 -2.91 26.43
N ALA A 220 23.08 -3.86 25.82
CA ALA A 220 21.83 -4.39 26.39
C ALA A 220 22.08 -5.10 27.71
N ASN A 221 23.20 -5.87 27.83
CA ASN A 221 23.60 -6.55 29.07
C ASN A 221 23.93 -5.52 30.16
N HIS A 222 24.25 -4.28 29.77
CA HIS A 222 24.50 -3.19 30.71
C HIS A 222 23.27 -2.26 30.91
N GLY A 223 22.12 -2.68 30.37
CA GLY A 223 20.86 -1.97 30.50
C GLY A 223 20.59 -0.88 29.48
N LEU A 224 21.34 -0.86 28.36
CA LEU A 224 21.21 0.19 27.37
C LEU A 224 20.92 -0.28 25.93
N ILE A 225 20.14 0.52 25.23
CA ILE A 225 19.86 0.34 23.81
C ILE A 225 20.29 1.65 23.18
N HIS A 226 21.15 1.56 22.18
CA HIS A 226 21.72 2.73 21.52
C HIS A 226 20.65 3.72 21.01
N GLY A 227 19.72 3.22 20.20
CA GLY A 227 18.63 4.04 19.65
C GLY A 227 18.89 4.63 18.28
N ASP A 228 20.18 4.83 17.90
CA ASP A 228 20.61 5.41 16.62
C ASP A 228 21.81 4.66 16.06
N PHE A 229 21.88 3.34 16.30
CA PHE A 229 23.02 2.50 15.94
C PHE A 229 23.15 2.41 14.42
N ASN A 230 24.22 3.00 13.87
CA ASN A 230 24.38 3.05 12.41
C ASN A 230 25.81 3.28 11.93
N GLU A 231 25.97 3.32 10.61
CA GLU A 231 27.25 3.51 9.91
C GLU A 231 27.87 4.90 10.10
N PHE A 232 27.08 5.88 10.59
CA PHE A 232 27.54 7.26 10.81
C PHE A 232 28.22 7.44 12.15
N ASN A 233 27.85 6.64 13.15
CA ASN A 233 28.47 6.80 14.48
C ASN A 233 29.39 5.64 14.91
N LEU A 234 29.74 4.76 13.96
CA LEU A 234 30.65 3.66 14.22
C LEU A 234 31.89 3.88 13.40
N ILE A 235 33.05 4.00 14.09
CA ILE A 235 34.35 4.22 13.45
C ILE A 235 35.11 2.92 13.34
N LEU A 236 35.66 2.65 12.16
CA LEU A 236 36.46 1.46 11.88
C LEU A 236 37.92 1.85 11.80
N ASP A 237 38.76 1.27 12.68
CA ASP A 237 40.19 1.55 12.66
C ASP A 237 40.95 0.68 11.65
N GLU A 238 42.28 0.84 11.56
CA GLU A 238 43.14 0.09 10.63
C GLU A 238 43.15 -1.42 10.84
N SER A 239 42.77 -1.89 12.07
CA SER A 239 42.66 -3.32 12.41
C SER A 239 41.20 -3.81 12.28
N ASP A 240 40.34 -2.96 11.69
CA ASP A 240 38.91 -3.21 11.52
C ASP A 240 38.09 -3.34 12.82
N HIS A 241 38.58 -2.71 13.90
N HIS A 241 38.59 -2.72 13.92
CA HIS A 241 37.89 -2.69 15.18
CA HIS A 241 37.95 -2.65 15.25
C HIS A 241 36.97 -1.46 15.27
C HIS A 241 36.98 -1.45 15.26
N ILE A 242 35.76 -1.64 15.80
CA ILE A 242 34.72 -0.61 15.89
C ILE A 242 34.73 0.18 17.18
N THR A 243 34.62 1.51 17.07
CA THR A 243 34.45 2.42 18.20
C THR A 243 33.14 3.18 17.96
N MET A 244 32.34 3.30 19.01
CA MET A 244 31.06 4.01 19.06
C MET A 244 31.40 5.46 19.51
N ILE A 245 31.01 6.46 18.71
CA ILE A 245 31.39 7.88 18.97
C ILE A 245 30.24 8.87 19.22
N ASP A 246 28.99 8.41 19.15
CA ASP A 246 27.80 9.25 19.31
C ASP A 246 26.67 8.38 19.83
N PHE A 247 26.01 8.78 20.93
CA PHE A 247 24.92 8.01 21.57
C PHE A 247 24.02 9.00 22.33
N PRO A 248 23.33 9.91 21.61
CA PRO A 248 22.57 10.97 22.30
C PRO A 248 21.29 10.60 23.00
N GLN A 249 20.59 9.55 22.54
CA GLN A 249 19.24 9.22 23.00
C GLN A 249 19.05 7.75 23.34
N MET A 250 19.94 7.22 24.20
CA MET A 250 19.87 5.82 24.55
C MET A 250 18.59 5.50 25.32
N VAL A 251 18.07 4.29 25.08
CA VAL A 251 16.84 3.78 25.70
C VAL A 251 17.25 2.71 26.74
N SER A 252 16.56 2.69 27.89
CA SER A 252 16.80 1.69 28.92
C SER A 252 16.18 0.35 28.44
N THR A 253 16.83 -0.78 28.76
CA THR A 253 16.27 -2.12 28.42
C THR A 253 14.99 -2.39 29.24
N SER A 254 14.73 -1.56 30.25
CA SER A 254 13.54 -1.63 31.10
C SER A 254 12.36 -0.85 30.47
N HIS A 255 12.60 -0.08 29.38
CA HIS A 255 11.52 0.67 28.71
C HIS A 255 10.44 -0.32 28.26
N PRO A 256 9.11 -0.05 28.40
CA PRO A 256 8.12 -1.02 27.93
C PRO A 256 8.28 -1.45 26.47
N ASN A 257 8.86 -0.60 25.62
CA ASN A 257 9.08 -0.91 24.20
C ASN A 257 10.53 -1.11 23.83
N ALA A 258 11.36 -1.49 24.81
CA ALA A 258 12.79 -1.75 24.65
C ALA A 258 13.08 -2.74 23.52
N GLU A 259 12.30 -3.82 23.40
CA GLU A 259 12.51 -4.83 22.38
C GLU A 259 12.47 -4.28 20.95
N TRP A 260 11.51 -3.40 20.68
CA TRP A 260 11.40 -2.73 19.38
C TRP A 260 12.66 -1.90 19.10
N TYR A 261 13.15 -1.11 20.11
CA TYR A 261 14.36 -0.28 19.96
C TYR A 261 15.59 -1.13 19.71
N PHE A 262 15.69 -2.25 20.41
CA PHE A 262 16.78 -3.22 20.26
C PHE A 262 16.76 -3.81 18.83
N ASP A 263 15.59 -4.29 18.37
CA ASP A 263 15.40 -4.89 17.04
C ASP A 263 15.66 -3.89 15.94
N ARG A 264 15.27 -2.62 16.15
CA ARG A 264 15.50 -1.56 15.18
C ARG A 264 16.99 -1.33 14.99
N ASP A 265 17.79 -1.35 16.10
CA ASP A 265 19.25 -1.18 15.96
C ASP A 265 19.90 -2.35 15.20
N VAL A 266 19.48 -3.57 15.51
CA VAL A 266 19.96 -4.78 14.84
C VAL A 266 19.65 -4.67 13.34
N LYS A 267 18.38 -4.33 12.99
CA LYS A 267 17.94 -4.19 11.61
C LYS A 267 18.67 -3.14 10.80
N CYS A 268 18.99 -1.98 11.42
CA CYS A 268 19.74 -0.92 10.73
C CYS A 268 21.12 -1.40 10.30
N ILE A 269 21.80 -2.14 11.17
CA ILE A 269 23.10 -2.63 10.78
C ILE A 269 23.01 -3.75 9.75
N LYS A 270 22.01 -4.61 9.83
CA LYS A 270 21.74 -5.64 8.81
C LYS A 270 21.53 -4.99 7.43
N ASP A 271 20.76 -3.87 7.36
CA ASP A 271 20.50 -3.14 6.11
C ASP A 271 21.78 -2.54 5.53
N PHE A 272 22.65 -2.01 6.40
CA PHE A 272 23.91 -1.42 5.96
C PHE A 272 24.83 -2.49 5.36
N PHE A 273 25.00 -3.63 6.04
CA PHE A 273 25.85 -4.73 5.57
C PHE A 273 25.40 -5.34 4.26
N MET A 274 24.07 -5.38 4.02
CA MET A 274 23.51 -5.88 2.77
C MET A 274 23.76 -4.89 1.63
N LYS A 275 23.49 -3.60 1.86
CA LYS A 275 23.66 -2.53 0.88
C LYS A 275 25.12 -2.26 0.54
N ARG A 276 25.98 -2.15 1.55
CA ARG A 276 27.40 -1.84 1.35
C ARG A 276 28.31 -3.01 1.00
N PHE A 277 28.23 -4.12 1.74
CA PHE A 277 29.13 -5.25 1.55
C PHE A 277 28.51 -6.48 0.94
N SER A 278 27.19 -6.43 0.63
CA SER A 278 26.40 -7.56 0.11
C SER A 278 26.48 -8.74 1.09
N TYR A 279 26.66 -8.41 2.38
CA TYR A 279 26.76 -9.38 3.45
C TYR A 279 25.49 -9.44 4.28
N GLU A 280 25.00 -10.67 4.46
CA GLU A 280 23.82 -11.02 5.25
C GLU A 280 24.17 -12.25 6.08
N SER A 281 23.51 -12.38 7.23
CA SER A 281 23.67 -13.50 8.15
C SER A 281 22.33 -13.75 8.87
N GLU A 282 22.09 -15.01 9.22
CA GLU A 282 20.90 -15.41 9.97
C GLU A 282 21.24 -15.49 11.47
N LEU A 283 22.51 -15.18 11.80
CA LEU A 283 23.08 -15.13 13.15
C LEU A 283 23.14 -13.67 13.63
N PHE A 284 22.05 -13.20 14.27
CA PHE A 284 21.94 -11.84 14.78
C PHE A 284 21.31 -11.86 16.19
N PRO A 285 21.55 -10.84 17.04
CA PRO A 285 20.99 -10.85 18.40
C PRO A 285 19.47 -10.75 18.49
N THR A 286 18.93 -11.33 19.56
CA THR A 286 17.53 -11.38 19.93
C THR A 286 17.46 -10.75 21.32
N PHE A 287 16.41 -9.96 21.59
CA PHE A 287 16.21 -9.31 22.90
C PHE A 287 16.06 -10.31 24.05
N LYS A 288 15.50 -11.53 23.80
CA LYS A 288 15.32 -12.56 24.83
C LYS A 288 16.66 -13.14 25.31
N ASP A 289 17.71 -13.03 24.48
CA ASP A 289 19.07 -13.50 24.77
C ASP A 289 19.87 -12.56 25.68
N ILE A 290 19.27 -11.42 26.13
CA ILE A 290 20.01 -10.52 27.01
C ILE A 290 20.05 -11.02 28.45
N ARG A 291 21.22 -10.92 29.07
CA ARG A 291 21.40 -11.31 30.46
C ARG A 291 22.18 -10.22 31.21
N ARG A 292 21.44 -9.38 31.96
CA ARG A 292 21.92 -8.24 32.75
C ARG A 292 23.07 -8.63 33.69
N GLU A 293 24.26 -8.00 33.48
CA GLU A 293 25.49 -8.27 34.25
C GLU A 293 25.44 -7.96 35.75
N ASP A 297 26.00 -0.33 37.94
CA ASP A 297 25.05 0.08 36.89
C ASP A 297 25.50 1.39 36.20
N VAL A 298 25.58 1.34 34.87
CA VAL A 298 26.01 2.43 33.98
C VAL A 298 25.25 3.76 34.23
N GLU A 299 23.91 3.69 34.28
CA GLU A 299 23.02 4.83 34.52
C GLU A 299 23.31 5.49 35.87
N VAL A 300 23.58 4.68 36.90
CA VAL A 300 23.93 5.15 38.25
C VAL A 300 25.29 5.90 38.20
N SER A 301 26.30 5.31 37.52
CA SER A 301 27.62 5.95 37.37
C SER A 301 27.53 7.21 36.56
N ALA A 302 26.79 7.19 35.43
CA ALA A 302 26.60 8.37 34.57
C ALA A 302 25.85 9.50 35.30
N SER A 303 24.84 9.16 36.10
CA SER A 303 24.10 10.17 36.87
C SER A 303 25.00 10.81 37.93
N GLY A 304 25.85 10.01 38.58
CA GLY A 304 26.82 10.47 39.56
C GLY A 304 27.80 11.47 38.95
N TYR A 305 28.30 11.15 37.73
CA TYR A 305 29.20 12.06 36.99
C TYR A 305 28.48 13.33 36.57
N THR A 306 27.22 13.24 36.10
CA THR A 306 26.43 14.43 35.72
C THR A 306 26.25 15.39 36.91
N LYS A 307 25.91 14.85 38.09
CA LYS A 307 25.73 15.66 39.32
C LYS A 307 27.04 16.36 39.71
N GLU A 308 28.20 15.69 39.53
CA GLU A 308 29.53 16.27 39.84
C GLU A 308 29.77 17.45 38.92
N MET A 309 29.49 17.27 37.63
CA MET A 309 29.64 18.32 36.62
C MET A 309 28.66 19.48 36.85
N GLN A 310 27.39 19.17 37.20
CA GLN A 310 26.36 20.20 37.47
C GLN A 310 26.70 21.08 38.68
N ALA A 311 27.39 20.49 39.68
CA ALA A 311 27.84 21.18 40.90
C ALA A 311 28.83 22.30 40.58
N ASP A 312 29.70 22.09 39.57
CA ASP A 312 30.74 23.04 39.13
C ASP A 312 30.24 24.06 38.12
N MET B 12 -5.20 19.10 50.22
CA MET B 12 -4.01 19.86 50.64
C MET B 12 -4.29 21.32 51.02
N SER B 13 -3.77 21.74 52.19
CA SER B 13 -3.92 23.11 52.68
C SER B 13 -3.13 24.11 51.81
N ARG B 14 -3.50 25.40 51.89
CA ARG B 14 -2.84 26.47 51.12
C ARG B 14 -1.36 26.60 51.49
N ASP B 15 -1.01 26.42 52.79
CA ASP B 15 0.38 26.47 53.26
C ASP B 15 1.20 25.30 52.71
N ASP B 16 0.61 24.08 52.71
CA ASP B 16 1.27 22.90 52.16
C ASP B 16 1.60 23.11 50.69
N PHE B 17 0.66 23.74 49.94
CA PHE B 17 0.80 24.04 48.51
C PHE B 17 1.84 25.15 48.27
N ARG B 18 1.88 26.16 49.16
CA ARG B 18 2.87 27.27 49.12
C ARG B 18 4.29 26.71 49.31
N VAL B 19 4.46 25.77 50.25
CA VAL B 19 5.75 25.14 50.54
C VAL B 19 6.17 24.23 49.40
N LEU B 20 5.22 23.44 48.86
CA LEU B 20 5.44 22.54 47.71
C LEU B 20 5.93 23.34 46.48
N THR B 21 5.33 24.53 46.23
CA THR B 21 5.72 25.47 45.17
C THR B 21 7.10 26.09 45.47
N ALA B 22 7.41 26.36 46.76
CA ALA B 22 8.70 26.90 47.20
C ALA B 22 9.83 25.90 46.91
N VAL B 23 9.57 24.58 47.12
CA VAL B 23 10.52 23.49 46.84
C VAL B 23 10.81 23.45 45.34
N GLU B 24 9.74 23.54 44.51
CA GLU B 24 9.84 23.61 43.06
C GLU B 24 10.72 24.81 42.63
N MET B 25 10.41 26.01 43.15
CA MET B 25 11.14 27.25 42.87
C MET B 25 12.63 27.14 43.19
N GLY B 26 12.96 26.62 44.38
CA GLY B 26 14.35 26.42 44.81
C GLY B 26 15.08 25.38 43.99
N MET B 27 14.33 24.43 43.38
CA MET B 27 14.89 23.36 42.56
C MET B 27 15.40 23.80 41.20
N LYS B 28 15.08 25.04 40.79
CA LYS B 28 15.53 25.58 39.52
C LYS B 28 17.07 25.83 39.47
N ASN B 29 17.66 26.12 40.63
CA ASN B 29 19.10 26.41 40.80
C ASN B 29 19.80 25.51 41.83
N HIS B 30 19.05 24.62 42.50
CA HIS B 30 19.65 23.75 43.52
C HIS B 30 19.27 22.29 43.29
N GLU B 31 20.28 21.39 43.28
CA GLU B 31 20.10 19.95 43.15
C GLU B 31 19.34 19.45 44.38
N ILE B 32 19.70 19.99 45.56
CA ILE B 32 19.08 19.73 46.86
C ILE B 32 18.75 21.11 47.47
N VAL B 33 17.46 21.38 47.77
CA VAL B 33 17.01 22.68 48.30
C VAL B 33 17.07 22.78 49.83
N PRO B 34 17.90 23.69 50.38
CA PRO B 34 17.95 23.84 51.86
C PRO B 34 16.64 24.38 52.41
N GLY B 35 16.26 23.88 53.59
CA GLY B 35 15.03 24.26 54.26
C GLY B 35 14.88 25.74 54.53
N SER B 36 16.00 26.41 54.83
CA SER B 36 16.07 27.85 55.08
C SER B 36 15.64 28.64 53.83
N LEU B 37 16.04 28.14 52.64
CA LEU B 37 15.68 28.73 51.36
C LEU B 37 14.20 28.49 51.06
N ILE B 38 13.70 27.26 51.31
CA ILE B 38 12.28 26.91 51.13
C ILE B 38 11.44 27.85 52.00
N ALA B 39 11.83 28.03 53.29
CA ALA B 39 11.13 28.89 54.25
C ALA B 39 11.08 30.36 53.79
N SER B 40 12.23 30.85 53.29
CA SER B 40 12.39 32.21 52.74
C SER B 40 11.46 32.41 51.51
N ILE B 41 11.43 31.45 50.57
CA ILE B 41 10.58 31.50 49.37
C ILE B 41 9.10 31.39 49.75
N ALA B 42 8.72 30.38 50.56
CA ALA B 42 7.33 30.16 50.99
C ALA B 42 6.74 31.37 51.71
N SER B 43 7.55 32.08 52.53
CA SER B 43 7.16 33.27 53.29
C SER B 43 5.81 33.08 54.00
N LEU B 44 5.76 32.04 54.81
CA LEU B 44 4.60 31.61 55.55
C LEU B 44 3.82 32.59 56.40
N LYS B 45 4.46 33.22 57.37
CA LYS B 45 3.81 34.15 58.32
C LYS B 45 2.69 33.49 59.10
N GLY B 47 4.71 30.76 61.40
CA GLY B 47 5.47 30.13 60.32
C GLY B 47 5.11 28.67 60.13
N GLY B 48 5.87 27.80 60.79
CA GLY B 48 5.66 26.35 60.76
C GLY B 48 6.04 25.64 59.47
N CYS B 49 7.02 26.20 58.73
CA CYS B 49 7.52 25.63 57.46
C CYS B 49 8.15 24.25 57.64
N ASN B 50 8.91 24.06 58.74
CA ASN B 50 9.55 22.78 59.10
C ASN B 50 8.54 21.65 59.28
N LYS B 51 7.42 21.94 59.96
CA LYS B 51 6.34 20.98 60.20
C LYS B 51 5.72 20.61 58.87
N VAL B 52 5.51 21.60 57.96
CA VAL B 52 4.93 21.37 56.63
C VAL B 52 5.88 20.49 55.81
N LEU B 53 7.20 20.82 55.84
CA LEU B 53 8.23 20.04 55.13
C LEU B 53 8.22 18.57 55.56
N ARG B 54 8.14 18.30 56.87
CA ARG B 54 8.10 16.95 57.42
C ARG B 54 6.84 16.17 56.97
N GLU B 55 5.68 16.85 56.87
CA GLU B 55 4.45 16.22 56.36
C GLU B 55 4.52 15.97 54.86
N LEU B 56 5.19 16.88 54.11
CA LEU B 56 5.36 16.75 52.67
C LEU B 56 6.27 15.53 52.34
N VAL B 57 7.29 15.28 53.18
CA VAL B 57 8.22 14.13 53.13
C VAL B 57 7.42 12.83 53.43
N LYS B 58 6.62 12.85 54.52
CA LYS B 58 5.76 11.75 54.97
C LYS B 58 4.80 11.31 53.84
N HIS B 59 4.21 12.29 53.12
CA HIS B 59 3.29 12.05 52.00
C HIS B 59 4.00 11.76 50.67
N LYS B 60 5.35 11.70 50.69
CA LYS B 60 6.22 11.40 49.54
C LYS B 60 6.07 12.36 48.35
N LEU B 61 5.66 13.61 48.64
CA LEU B 61 5.49 14.67 47.64
C LEU B 61 6.84 15.35 47.47
N ILE B 62 7.72 15.27 48.51
CA ILE B 62 9.09 15.75 48.53
C ILE B 62 9.96 14.69 49.24
N ALA B 63 11.27 14.68 48.99
CA ALA B 63 12.16 13.74 49.65
C ALA B 63 13.34 14.46 50.25
N TRP B 64 13.88 13.95 51.39
CA TRP B 64 15.05 14.54 52.02
C TRP B 64 16.30 13.94 51.37
N GLU B 65 17.32 14.76 51.16
CA GLU B 65 18.57 14.29 50.58
C GLU B 65 19.73 14.93 51.30
N ARG B 66 20.83 14.18 51.44
CA ARG B 66 22.02 14.67 52.14
C ARG B 66 23.29 14.04 51.54
N THR B 67 24.18 14.88 51.00
CA THR B 67 25.47 14.44 50.43
C THR B 67 26.48 14.26 51.57
N THR B 69 28.25 17.87 51.26
CA THR B 69 28.38 19.27 51.69
C THR B 69 27.01 19.94 51.84
N VAL B 70 26.06 19.55 51.00
CA VAL B 70 24.68 20.09 50.95
C VAL B 70 23.65 19.12 51.54
N GLN B 71 22.56 19.70 52.03
CA GLN B 71 21.42 18.97 52.58
C GLN B 71 20.16 19.77 52.31
N GLY B 72 19.06 19.05 52.10
CA GLY B 72 17.79 19.68 51.80
C GLY B 72 16.80 18.75 51.16
N TYR B 73 15.89 19.35 50.39
CA TYR B 73 14.76 18.67 49.79
C TYR B 73 14.70 18.78 48.27
N ARG B 74 14.00 17.83 47.69
CA ARG B 74 13.67 17.77 46.27
C ARG B 74 12.21 17.34 46.16
N LEU B 75 11.56 17.75 45.10
CA LEU B 75 10.24 17.33 44.72
C LEU B 75 10.41 15.89 44.21
N THR B 76 9.42 15.04 44.44
CA THR B 76 9.39 13.67 43.92
C THR B 76 8.51 13.77 42.66
N ASN B 77 8.34 12.67 41.86
CA ASN B 77 7.46 12.68 40.68
C ASN B 77 6.02 12.95 41.13
N ALA B 78 5.61 12.36 42.28
CA ALA B 78 4.27 12.56 42.87
C ALA B 78 4.03 14.03 43.24
N GLY B 79 5.05 14.72 43.76
CA GLY B 79 4.95 16.14 44.09
C GLY B 79 4.83 17.04 42.88
N TYR B 80 5.58 16.75 41.83
CA TYR B 80 5.57 17.50 40.60
C TYR B 80 4.24 17.27 39.93
N ASP B 81 3.74 15.99 39.91
CA ASP B 81 2.43 15.66 39.33
C ASP B 81 1.35 16.44 40.02
N TYR B 82 1.36 16.48 41.36
CA TYR B 82 0.36 17.19 42.16
C TYR B 82 0.34 18.68 41.78
N LEU B 83 1.51 19.35 41.68
CA LEU B 83 1.59 20.76 41.29
C LEU B 83 0.93 20.99 39.93
N ALA B 84 1.27 20.16 38.93
CA ALA B 84 0.70 20.29 37.59
C ALA B 84 -0.81 20.01 37.62
N LEU B 85 -1.23 18.93 38.34
CA LEU B 85 -2.65 18.56 38.43
C LEU B 85 -3.46 19.57 39.25
N LYS B 86 -2.87 20.17 40.29
CA LYS B 86 -3.56 21.20 41.05
C LYS B 86 -3.81 22.43 40.16
N THR B 87 -2.80 22.86 39.37
CA THR B 87 -2.96 23.95 38.40
C THR B 87 -4.08 23.65 37.38
N LEU B 88 -4.04 22.45 36.76
CA LEU B 88 -5.04 22.05 35.75
C LEU B 88 -6.44 21.98 36.32
N SER B 89 -6.56 21.57 37.60
CA SER B 89 -7.83 21.52 38.33
C SER B 89 -8.37 22.94 38.56
N SER B 90 -7.48 23.89 38.95
CA SER B 90 -7.83 25.30 39.16
C SER B 90 -8.38 25.95 37.88
N ARG B 91 -7.89 25.50 36.70
CA ARG B 91 -8.32 25.98 35.38
C ARG B 91 -9.54 25.24 34.87
N GLN B 92 -10.06 24.25 35.65
CA GLN B 92 -11.23 23.42 35.31
C GLN B 92 -10.96 22.44 34.14
N VAL B 93 -9.68 22.21 33.82
CA VAL B 93 -9.26 21.31 32.74
C VAL B 93 -9.29 19.84 33.19
N VAL B 94 -8.80 19.55 34.41
CA VAL B 94 -8.75 18.19 34.97
C VAL B 94 -9.36 18.18 36.36
N GLU B 95 -10.35 17.31 36.59
CA GLU B 95 -10.97 17.14 37.90
C GLU B 95 -10.55 15.79 38.50
N SER B 96 -10.44 14.75 37.65
CA SER B 96 -10.07 13.40 38.09
C SER B 96 -9.12 12.73 37.12
N VAL B 97 -8.32 11.83 37.64
CA VAL B 97 -7.34 11.10 36.88
C VAL B 97 -7.66 9.65 37.02
N GLY B 98 -7.55 8.90 35.94
CA GLY B 98 -7.92 7.52 36.09
C GLY B 98 -7.03 6.41 35.64
N ASN B 99 -5.83 6.34 36.17
CA ASN B 99 -4.85 5.26 35.93
C ASN B 99 -4.18 5.25 34.52
N GLN B 100 -3.06 4.57 34.42
CA GLN B 100 -2.32 4.65 33.21
C GLN B 100 -2.84 3.89 32.03
N MET B 101 -3.06 4.55 30.91
CA MET B 101 -3.40 3.78 29.74
C MET B 101 -2.23 3.30 28.91
N GLY B 102 -1.12 3.99 29.04
CA GLY B 102 0.06 3.61 28.30
C GLY B 102 1.27 4.47 28.57
N VAL B 103 2.18 4.43 27.62
CA VAL B 103 3.46 5.11 27.72
C VAL B 103 3.85 5.69 26.40
N GLY B 104 4.54 6.82 26.45
CA GLY B 104 5.18 7.43 25.31
C GLY B 104 6.64 7.09 25.49
N LYS B 105 7.52 7.50 24.59
CA LYS B 105 8.95 7.23 24.77
C LYS B 105 9.50 7.80 26.11
N GLU B 106 9.04 8.99 26.52
CA GLU B 106 9.51 9.67 27.74
C GLU B 106 8.35 10.28 28.54
N SER B 107 7.21 9.57 28.58
CA SER B 107 6.01 10.03 29.26
C SER B 107 5.08 8.89 29.62
N ASP B 108 4.21 9.15 30.61
CA ASP B 108 3.16 8.26 31.08
C ASP B 108 1.84 8.86 30.62
N ILE B 109 0.92 8.01 30.12
CA ILE B 109 -0.36 8.45 29.58
C ILE B 109 -1.50 7.98 30.46
N TYR B 110 -2.43 8.90 30.81
CA TYR B 110 -3.58 8.60 31.65
C TYR B 110 -4.84 9.18 31.00
N ILE B 111 -6.00 8.63 31.35
CA ILE B 111 -7.30 9.18 30.96
C ILE B 111 -7.64 10.08 32.12
N VAL B 112 -8.09 11.29 31.81
CA VAL B 112 -8.52 12.27 32.81
C VAL B 112 -9.93 12.74 32.47
N ALA B 113 -10.62 13.32 33.44
CA ALA B 113 -11.95 13.89 33.20
C ALA B 113 -12.01 15.29 33.80
N ASN B 114 -12.70 16.22 33.12
CA ASN B 114 -12.96 17.55 33.68
C ASN B 114 -14.21 17.42 34.58
N GLU B 115 -14.70 18.53 35.17
CA GLU B 115 -15.87 18.56 36.08
C GLU B 115 -17.14 17.99 35.47
N GLU B 116 -17.38 18.29 34.18
CA GLU B 116 -18.57 17.85 33.43
C GLU B 116 -18.47 16.42 32.90
N GLY B 117 -17.42 15.70 33.31
CA GLY B 117 -17.19 14.31 32.92
C GLY B 117 -16.63 14.08 31.55
N GLN B 118 -16.24 15.16 30.82
CA GLN B 118 -15.59 15.05 29.50
C GLN B 118 -14.19 14.43 29.74
N GLN B 119 -13.82 13.40 28.96
CA GLN B 119 -12.53 12.74 29.10
C GLN B 119 -11.51 13.24 28.13
N PHE B 120 -10.26 13.30 28.58
CA PHE B 120 -9.11 13.75 27.80
C PHE B 120 -7.97 12.82 28.10
N ALA B 121 -6.90 12.91 27.33
CA ALA B 121 -5.71 12.15 27.59
C ALA B 121 -4.72 13.12 28.29
N LEU B 122 -4.02 12.62 29.31
CA LEU B 122 -3.01 13.35 30.04
C LEU B 122 -1.68 12.66 29.82
N LYS B 123 -0.67 13.42 29.39
CA LYS B 123 0.68 12.92 29.24
C LYS B 123 1.57 13.60 30.24
N LEU B 124 2.17 12.82 31.14
CA LEU B 124 3.12 13.37 32.14
C LEU B 124 4.51 12.96 31.70
N HIS B 125 5.31 13.94 31.29
CA HIS B 125 6.68 13.80 30.78
C HIS B 125 7.69 13.55 31.89
N ARG B 126 8.57 12.57 31.68
CA ARG B 126 9.58 12.13 32.67
C ARG B 126 10.87 11.92 31.95
N LEU B 127 11.80 12.86 32.16
CA LEU B 127 13.10 12.95 31.48
C LEU B 127 14.11 13.54 32.45
N GLY B 128 15.35 13.08 32.40
CA GLY B 128 16.42 13.61 33.24
C GLY B 128 16.83 12.66 34.34
N ARG B 129 18.15 12.53 34.55
CA ARG B 129 18.75 11.63 35.54
C ARG B 129 19.45 12.32 36.69
N THR B 130 19.26 13.62 36.78
CA THR B 130 19.73 14.39 37.90
C THR B 130 18.60 15.26 38.42
N ASN B 147 18.10 15.97 39.58
CA ASN B 147 16.95 16.71 40.08
C ASN B 147 16.77 17.97 39.26
N VAL B 148 17.81 18.77 39.12
CA VAL B 148 17.81 19.97 38.28
C VAL B 148 17.42 19.68 36.83
N SER B 149 18.10 18.74 36.18
CA SER B 149 17.78 18.43 34.79
C SER B 149 16.45 17.72 34.64
N TRP B 150 16.04 16.92 35.64
CA TRP B 150 14.72 16.27 35.61
C TRP B 150 13.60 17.36 35.59
N LEU B 151 13.71 18.39 36.45
CA LEU B 151 12.70 19.46 36.52
C LEU B 151 12.55 20.23 35.20
N TYR B 152 13.71 20.62 34.60
CA TYR B 152 13.84 21.37 33.37
C TYR B 152 13.49 20.54 32.14
N LEU B 153 14.08 19.33 31.98
CA LEU B 153 13.86 18.47 30.82
C LEU B 153 12.45 17.99 30.71
N SER B 154 11.82 17.63 31.85
CA SER B 154 10.42 17.15 31.86
C SER B 154 9.47 18.26 31.41
N ARG B 155 9.72 19.51 31.86
CA ARG B 155 8.96 20.70 31.51
C ARG B 155 9.14 21.03 30.02
N LEU B 156 10.41 21.00 29.53
CA LEU B 156 10.73 21.25 28.14
C LEU B 156 10.14 20.20 27.21
N SER B 157 10.19 18.92 27.59
CA SER B 157 9.64 17.81 26.79
C SER B 157 8.13 18.01 26.58
N ALA B 158 7.43 18.46 27.64
CA ALA B 158 5.98 18.70 27.61
C ALA B 158 5.62 19.93 26.80
N MET B 159 6.41 20.99 26.95
CA MET B 159 6.28 22.25 26.23
C MET B 159 6.48 21.98 24.73
N LYS B 160 7.56 21.25 24.35
CA LYS B 160 7.89 20.87 22.96
C LYS B 160 6.72 20.06 22.34
N GLU B 161 6.18 19.10 23.09
CA GLU B 161 5.04 18.27 22.63
C GLU B 161 3.82 19.17 22.39
N PHE B 162 3.51 20.08 23.34
CA PHE B 162 2.37 20.97 23.18
C PHE B 162 2.55 21.91 21.97
N ALA B 163 3.77 22.47 21.81
CA ALA B 163 4.08 23.36 20.68
C ALA B 163 4.01 22.63 19.32
N TYR B 164 4.56 21.40 19.22
CA TYR B 164 4.49 20.63 17.98
C TYR B 164 3.10 20.10 17.71
N MET B 165 2.35 19.73 18.76
CA MET B 165 0.98 19.25 18.55
C MET B 165 0.09 20.38 18.00
N LYS B 166 0.30 21.62 18.51
CA LYS B 166 -0.41 22.82 18.06
C LYS B 166 -0.07 23.11 16.62
N ALA B 167 1.23 23.11 16.28
CA ALA B 167 1.71 23.39 14.94
C ALA B 167 1.23 22.35 13.93
N LEU B 168 1.22 21.07 14.32
CA LEU B 168 0.75 19.97 13.47
C LEU B 168 -0.75 19.97 13.33
N TYR B 169 -1.47 20.13 14.45
CA TYR B 169 -2.94 20.15 14.42
C TYR B 169 -3.50 21.27 13.54
N GLU B 170 -2.86 22.45 13.57
CA GLU B 170 -3.31 23.58 12.75
C GLU B 170 -3.06 23.36 11.25
N ARG B 171 -2.16 22.42 10.92
CA ARG B 171 -1.84 22.08 9.53
C ARG B 171 -2.59 20.83 9.08
N LYS B 172 -3.66 20.47 9.81
CA LYS B 172 -4.52 19.32 9.55
C LYS B 172 -3.77 17.97 9.58
N PHE B 173 -2.72 17.84 10.44
CA PHE B 173 -2.04 16.56 10.61
C PHE B 173 -2.89 15.69 11.55
N PRO B 174 -2.85 14.35 11.44
CA PRO B 174 -3.66 13.51 12.37
C PRO B 174 -2.93 13.32 13.71
N VAL B 175 -3.10 14.32 14.58
CA VAL B 175 -2.53 14.37 15.93
C VAL B 175 -3.73 14.69 16.86
N PRO B 176 -3.70 14.37 18.17
CA PRO B 176 -4.82 14.77 19.03
C PRO B 176 -4.88 16.29 19.12
N LYS B 177 -6.07 16.83 19.33
CA LYS B 177 -6.18 18.27 19.52
C LYS B 177 -5.50 18.63 20.87
N PRO B 178 -4.57 19.60 20.92
CA PRO B 178 -3.95 19.97 22.22
C PRO B 178 -4.94 20.83 23.01
N ILE B 179 -5.10 20.55 24.31
CA ILE B 179 -6.09 21.25 25.14
C ILE B 179 -5.41 22.21 26.07
N ASP B 180 -4.45 21.72 26.87
CA ASP B 180 -3.77 22.55 27.84
C ASP B 180 -2.40 21.99 28.20
N TYR B 181 -1.63 22.79 28.92
CA TYR B 181 -0.28 22.45 29.32
C TYR B 181 0.04 23.14 30.63
N ASN B 182 0.80 22.44 31.47
CA ASN B 182 1.38 22.97 32.70
C ASN B 182 2.54 22.10 33.14
N ARG B 183 3.68 22.72 33.42
CA ARG B 183 4.86 22.04 33.92
C ARG B 183 5.26 20.86 32.96
N HIS B 184 5.20 19.63 33.43
CA HIS B 184 5.55 18.47 32.61
C HIS B 184 4.31 17.76 32.05
N ALA B 185 3.14 18.38 32.21
CA ALA B 185 1.84 17.82 31.86
C ALA B 185 1.25 18.42 30.59
N VAL B 186 0.73 17.55 29.71
CA VAL B 186 0.03 17.95 28.48
C VAL B 186 -1.32 17.28 28.52
N VAL B 187 -2.39 18.10 28.35
CA VAL B 187 -3.75 17.61 28.27
C VAL B 187 -4.13 17.69 26.78
N MET B 188 -4.76 16.62 26.28
CA MET B 188 -5.11 16.57 24.88
C MET B 188 -6.35 15.72 24.65
N GLU B 189 -6.86 15.76 23.41
CA GLU B 189 -8.01 14.98 22.97
C GLU B 189 -7.73 13.50 23.20
N LEU B 190 -8.72 12.77 23.73
CA LEU B 190 -8.66 11.34 23.90
C LEU B 190 -9.12 10.71 22.59
N ILE B 191 -8.22 9.98 21.91
CA ILE B 191 -8.58 9.30 20.66
C ILE B 191 -9.28 7.99 21.03
N ASN B 192 -10.46 7.71 20.46
CA ASN B 192 -11.19 6.49 20.70
C ASN B 192 -10.60 5.48 19.75
N GLY B 193 -9.61 4.77 20.24
CA GLY B 193 -8.89 3.80 19.44
C GLY B 193 -7.79 3.09 20.18
N TYR B 194 -7.07 2.25 19.47
CA TYR B 194 -6.06 1.41 20.07
C TYR B 194 -4.77 1.55 19.32
N PRO B 195 -3.61 1.39 20.00
CA PRO B 195 -2.35 1.46 19.27
C PRO B 195 -2.32 0.28 18.31
N LEU B 196 -1.71 0.53 17.15
CA LEU B 196 -1.59 -0.44 16.07
C LEU B 196 -0.99 -1.79 16.56
N CYS B 197 -0.10 -1.75 17.59
CA CYS B 197 0.52 -2.95 18.20
C CYS B 197 -0.53 -3.91 18.80
N GLN B 198 -1.67 -3.39 19.26
CA GLN B 198 -2.74 -4.19 19.85
C GLN B 198 -3.77 -4.66 18.80
N ILE B 199 -3.58 -4.30 17.52
CA ILE B 199 -4.51 -4.68 16.45
C ILE B 199 -3.99 -5.89 15.69
N HIS B 200 -4.76 -6.98 15.68
CA HIS B 200 -4.37 -8.21 15.01
C HIS B 200 -5.10 -8.46 13.70
N HIS B 201 -6.23 -7.77 13.50
CA HIS B 201 -7.04 -7.88 12.30
C HIS B 201 -7.53 -6.50 11.86
N VAL B 202 -7.36 -6.21 10.57
CA VAL B 202 -7.83 -4.99 9.93
C VAL B 202 -8.51 -5.38 8.60
N GLU B 203 -9.63 -4.71 8.25
CA GLU B 203 -10.42 -5.00 7.05
C GLU B 203 -9.62 -4.88 5.76
N ASP B 204 -8.84 -3.80 5.62
CA ASP B 204 -8.03 -3.54 4.45
C ASP B 204 -6.62 -3.09 4.89
N PRO B 205 -5.65 -4.03 5.03
CA PRO B 205 -4.29 -3.63 5.44
C PRO B 205 -3.62 -2.61 4.52
N ALA B 206 -3.89 -2.69 3.20
CA ALA B 206 -3.34 -1.78 2.20
C ALA B 206 -3.70 -0.31 2.46
N SER B 207 -4.97 -0.04 2.87
CA SER B 207 -5.43 1.31 3.17
C SER B 207 -4.73 1.91 4.38
N VAL B 208 -4.55 1.10 5.44
CA VAL B 208 -3.88 1.54 6.69
C VAL B 208 -2.41 1.78 6.41
N TYR B 209 -1.78 0.88 5.63
CA TYR B 209 -0.37 0.97 5.20
C TYR B 209 -0.19 2.27 4.44
N ASP B 210 -1.05 2.52 3.42
CA ASP B 210 -1.02 3.73 2.60
C ASP B 210 -1.18 4.98 3.44
N GLU B 211 -2.06 4.95 4.47
CA GLU B 211 -2.29 6.07 5.36
C GLU B 211 -1.05 6.36 6.21
N ALA B 212 -0.32 5.31 6.66
CA ALA B 212 0.89 5.45 7.48
C ALA B 212 2.00 6.01 6.60
N MET B 213 2.16 5.50 5.37
CA MET B 213 3.16 6.02 4.42
C MET B 213 2.90 7.48 4.01
N GLU B 214 1.63 7.84 3.78
CA GLU B 214 1.21 9.21 3.44
C GLU B 214 1.56 10.18 4.57
N LEU B 215 1.47 9.73 5.85
CA LEU B 215 1.80 10.52 7.03
C LEU B 215 3.30 10.83 7.04
N ILE B 216 4.15 9.83 6.75
CA ILE B 216 5.59 10.03 6.67
C ILE B 216 5.89 11.09 5.57
N VAL B 217 5.23 10.99 4.39
CA VAL B 217 5.40 11.92 3.26
C VAL B 217 4.98 13.34 3.63
N LYS B 218 3.77 13.51 4.21
CA LYS B 218 3.23 14.81 4.64
C LYS B 218 4.16 15.47 5.64
N LEU B 219 4.67 14.69 6.63
CA LEU B 219 5.62 15.19 7.62
C LEU B 219 6.86 15.73 6.93
N ALA B 220 7.46 14.95 6.01
CA ALA B 220 8.68 15.32 5.29
C ALA B 220 8.48 16.57 4.41
N ASN B 221 7.28 16.71 3.76
CA ASN B 221 6.92 17.89 2.97
C ASN B 221 6.80 19.12 3.86
N HIS B 222 6.58 18.91 5.17
CA HIS B 222 6.53 19.99 6.13
C HIS B 222 7.86 20.15 6.91
N GLY B 223 8.92 19.46 6.45
CA GLY B 223 10.27 19.56 7.00
C GLY B 223 10.58 18.67 8.19
N LEU B 224 9.74 17.64 8.44
CA LEU B 224 9.92 16.78 9.61
C LEU B 224 10.02 15.31 9.33
N ILE B 225 10.80 14.63 10.16
CA ILE B 225 10.92 13.16 10.17
C ILE B 225 10.58 12.76 11.59
N HIS B 226 9.59 11.87 11.78
CA HIS B 226 9.14 11.42 13.11
C HIS B 226 10.28 10.89 14.02
N GLY B 227 11.10 9.98 13.48
CA GLY B 227 12.24 9.43 14.21
C GLY B 227 11.94 8.19 15.03
N ASP B 228 10.66 7.99 15.45
CA ASP B 228 10.19 6.83 16.23
C ASP B 228 8.86 6.31 15.67
N PHE B 229 8.68 6.38 14.35
CA PHE B 229 7.42 6.03 13.70
C PHE B 229 7.16 4.53 13.82
N ASN B 230 6.14 4.15 14.62
CA ASN B 230 5.88 2.73 14.89
C ASN B 230 4.48 2.42 15.36
N GLU B 231 4.22 1.13 15.59
CA GLU B 231 2.95 0.57 16.02
C GLU B 231 2.54 0.96 17.43
N PHE B 232 3.47 1.48 18.25
CA PHE B 232 3.19 1.89 19.64
C PHE B 232 2.66 3.33 19.73
N ASN B 233 2.93 4.16 18.74
CA ASN B 233 2.51 5.55 18.84
C ASN B 233 1.56 5.98 17.74
N LEU B 234 1.05 4.99 16.99
CA LEU B 234 0.04 5.19 15.97
C LEU B 234 -1.25 4.51 16.47
N ILE B 235 -2.29 5.33 16.70
CA ILE B 235 -3.60 4.85 17.18
C ILE B 235 -4.55 4.68 16.01
N LEU B 236 -5.25 3.54 15.97
CA LEU B 236 -6.21 3.23 14.94
C LEU B 236 -7.60 3.39 15.56
N ASP B 237 -8.41 4.30 14.97
CA ASP B 237 -9.78 4.58 15.43
C ASP B 237 -10.80 3.57 14.87
N GLU B 238 -12.10 3.78 15.10
CA GLU B 238 -13.17 2.90 14.64
C GLU B 238 -13.31 2.84 13.10
N SER B 239 -12.83 3.87 12.39
CA SER B 239 -12.90 3.95 10.92
C SER B 239 -11.55 3.58 10.27
N ASP B 240 -10.65 3.00 11.09
CA ASP B 240 -9.31 2.59 10.68
C ASP B 240 -8.40 3.75 10.26
N HIS B 241 -8.65 4.95 10.81
CA HIS B 241 -7.81 6.11 10.59
C HIS B 241 -6.78 6.21 11.68
N ILE B 242 -5.57 6.61 11.29
CA ILE B 242 -4.41 6.71 12.15
C ILE B 242 -4.23 8.07 12.79
N THR B 243 -3.93 8.11 14.10
CA THR B 243 -3.55 9.32 14.82
C THR B 243 -2.17 9.05 15.42
N MET B 244 -1.27 10.01 15.30
CA MET B 244 0.10 10.01 15.82
C MET B 244 0.02 10.67 17.22
N ILE B 245 0.45 9.96 18.28
CA ILE B 245 0.28 10.42 19.68
C ILE B 245 1.54 10.73 20.51
N ASP B 246 2.72 10.49 19.92
CA ASP B 246 4.00 10.70 20.60
C ASP B 246 5.04 10.95 19.51
N PHE B 247 5.82 12.03 19.64
CA PHE B 247 6.84 12.43 18.65
C PHE B 247 7.91 13.24 19.41
N PRO B 248 8.64 12.62 20.37
CA PRO B 248 9.59 13.38 21.19
C PRO B 248 10.88 13.87 20.55
N GLN B 249 11.35 13.17 19.50
CA GLN B 249 12.66 13.43 18.91
C GLN B 249 12.66 13.55 17.41
N MET B 250 11.76 14.39 16.87
CA MET B 250 11.67 14.60 15.43
C MET B 250 12.95 15.19 14.88
N VAL B 251 13.27 14.77 13.66
CA VAL B 251 14.48 15.18 12.96
C VAL B 251 14.06 16.08 11.81
N SER B 252 14.81 17.15 11.57
CA SER B 252 14.54 18.06 10.46
C SER B 252 14.97 17.37 9.14
N THR B 253 14.27 17.61 8.03
CA THR B 253 14.64 17.05 6.71
C THR B 253 15.97 17.68 6.23
N SER B 254 16.42 18.74 6.91
CA SER B 254 17.68 19.45 6.65
C SER B 254 18.85 18.81 7.44
N HIS B 255 18.57 17.84 8.34
CA HIS B 255 19.63 17.16 9.11
C HIS B 255 20.61 16.49 8.13
N PRO B 256 21.95 16.53 8.35
CA PRO B 256 22.86 15.88 7.39
C PRO B 256 22.53 14.41 7.10
N ASN B 257 21.90 13.71 8.06
CA ASN B 257 21.53 12.30 7.88
C ASN B 257 20.03 12.07 7.83
N ALA B 258 19.27 13.08 7.39
CA ALA B 258 17.82 13.04 7.26
C ALA B 258 17.31 11.85 6.45
N GLU B 259 17.97 11.54 5.34
CA GLU B 259 17.55 10.42 4.48
C GLU B 259 17.53 9.08 5.21
N TRP B 260 18.55 8.80 6.04
CA TRP B 260 18.62 7.60 6.85
C TRP B 260 17.44 7.55 7.83
N TYR B 261 17.14 8.68 8.52
CA TYR B 261 16.01 8.75 9.48
C TYR B 261 14.69 8.54 8.80
N PHE B 262 14.52 9.13 7.59
CA PHE B 262 13.31 8.97 6.78
C PHE B 262 13.13 7.49 6.39
N ASP B 263 14.20 6.85 5.85
CA ASP B 263 14.19 5.45 5.41
C ASP B 263 13.95 4.52 6.57
N ARG B 264 14.53 4.82 7.74
CA ARG B 264 14.33 4.01 8.94
C ARG B 264 12.85 4.00 9.34
N ASP B 265 12.19 5.16 9.33
CA ASP B 265 10.76 5.27 9.67
C ASP B 265 9.89 4.42 8.70
N VAL B 266 10.16 4.54 7.35
CA VAL B 266 9.48 3.79 6.28
C VAL B 266 9.66 2.28 6.51
N LYS B 267 10.91 1.85 6.78
CA LYS B 267 11.24 0.44 7.01
C LYS B 267 10.57 -0.15 8.22
N CYS B 268 10.45 0.62 9.33
CA CYS B 268 9.76 0.16 10.54
C CYS B 268 8.29 -0.15 10.28
N ILE B 269 7.62 0.70 9.49
CA ILE B 269 6.23 0.50 9.09
C ILE B 269 6.09 -0.75 8.22
N LYS B 270 6.98 -0.91 7.22
CA LYS B 270 6.99 -2.06 6.32
C LYS B 270 7.19 -3.34 7.14
N ASP B 271 8.12 -3.32 8.10
CA ASP B 271 8.40 -4.45 8.99
C ASP B 271 7.15 -4.86 9.76
N PHE B 272 6.45 -3.88 10.38
CA PHE B 272 5.22 -4.16 11.15
C PHE B 272 4.09 -4.74 10.28
N PHE B 273 3.82 -4.11 9.12
CA PHE B 273 2.76 -4.56 8.21
C PHE B 273 2.97 -5.97 7.66
N MET B 274 4.24 -6.36 7.42
CA MET B 274 4.60 -7.70 6.97
C MET B 274 4.45 -8.69 8.13
N LYS B 275 4.98 -8.35 9.33
CA LYS B 275 4.91 -9.20 10.51
C LYS B 275 3.50 -9.42 11.02
N ARG B 276 2.71 -8.34 11.12
CA ARG B 276 1.35 -8.42 11.67
C ARG B 276 0.24 -8.82 10.67
N PHE B 277 0.23 -8.19 9.48
CA PHE B 277 -0.83 -8.44 8.53
C PHE B 277 -0.45 -9.24 7.30
N SER B 278 0.84 -9.67 7.20
CA SER B 278 1.42 -10.38 6.06
C SER B 278 1.25 -9.53 4.80
N TYR B 279 1.23 -8.19 4.98
CA TYR B 279 1.06 -7.23 3.92
C TYR B 279 2.37 -6.55 3.56
N GLU B 280 2.68 -6.55 2.26
CA GLU B 280 3.86 -5.95 1.65
C GLU B 280 3.41 -5.18 0.42
N SER B 281 4.15 -4.14 0.07
CA SER B 281 3.90 -3.31 -1.11
C SER B 281 5.23 -2.78 -1.65
N GLU B 282 5.29 -2.55 -2.96
CA GLU B 282 6.46 -2.01 -3.65
C GLU B 282 6.30 -0.47 -3.76
N LEU B 283 5.14 0.05 -3.29
CA LEU B 283 4.75 1.46 -3.27
C LEU B 283 5.02 2.03 -1.90
N PHE B 284 6.23 2.54 -1.70
CA PHE B 284 6.66 3.15 -0.45
C PHE B 284 7.46 4.43 -0.74
N PRO B 285 7.44 5.41 0.18
CA PRO B 285 8.14 6.67 -0.08
C PRO B 285 9.65 6.59 -0.17
N THR B 286 10.21 7.53 -0.96
CA THR B 286 11.62 7.75 -1.20
C THR B 286 11.90 9.20 -0.76
N PHE B 287 13.06 9.44 -0.14
CA PHE B 287 13.44 10.77 0.33
C PHE B 287 13.58 11.79 -0.81
N LYS B 288 14.00 11.34 -2.02
CA LYS B 288 14.15 12.21 -3.20
C LYS B 288 12.82 12.77 -3.72
N ASP B 289 11.70 12.07 -3.40
CA ASP B 289 10.34 12.44 -3.78
C ASP B 289 9.73 13.54 -2.90
N ILE B 290 10.53 14.13 -1.98
CA ILE B 290 10.06 15.16 -1.06
C ILE B 290 10.10 16.59 -1.59
N ARG B 291 8.90 17.22 -1.65
CA ARG B 291 8.68 18.59 -2.09
C ARG B 291 8.36 19.52 -0.88
N ARG B 292 9.43 20.08 -0.28
CA ARG B 292 9.43 20.98 0.90
C ARG B 292 8.22 21.91 1.03
N ASP B 297 5.80 27.37 7.97
CA ASP B 297 6.66 26.25 8.37
C ASP B 297 6.37 25.79 9.83
N VAL B 298 6.12 24.46 10.02
CA VAL B 298 5.82 23.82 11.31
C VAL B 298 6.84 24.07 12.43
N GLU B 299 8.14 23.97 12.12
CA GLU B 299 9.22 24.27 13.07
C GLU B 299 9.19 25.74 13.52
N VAL B 300 8.93 26.67 12.60
CA VAL B 300 8.84 28.10 12.88
C VAL B 300 7.64 28.35 13.81
N SER B 301 6.47 27.72 13.49
CA SER B 301 5.27 27.84 14.34
C SER B 301 5.55 27.25 15.72
N ALA B 302 6.11 26.03 15.77
CA ALA B 302 6.41 25.36 17.04
C ALA B 302 7.42 26.13 17.90
N SER B 303 8.46 26.71 17.29
CA SER B 303 9.46 27.52 18.02
C SER B 303 8.79 28.78 18.59
N GLY B 304 7.89 29.40 17.81
CA GLY B 304 7.14 30.57 18.22
C GLY B 304 6.26 30.26 19.43
N TYR B 305 5.58 29.10 19.43
CA TYR B 305 4.75 28.65 20.56
C TYR B 305 5.62 28.33 21.78
N THR B 306 6.77 27.67 21.60
CA THR B 306 7.72 27.39 22.70
C THR B 306 8.22 28.69 23.38
N LYS B 307 8.57 29.71 22.58
CA LYS B 307 9.02 31.01 23.14
C LYS B 307 7.90 31.69 23.94
N GLU B 308 6.63 31.55 23.48
CA GLU B 308 5.46 32.13 24.18
C GLU B 308 5.31 31.44 25.52
N MET B 309 5.43 30.12 25.55
CA MET B 309 5.33 29.32 26.78
C MET B 309 6.53 29.53 27.70
N GLN B 310 7.74 29.68 27.15
CA GLN B 310 8.93 29.95 27.99
C GLN B 310 8.79 31.28 28.73
N ALA B 311 8.15 32.29 28.09
CA ALA B 311 7.95 33.63 28.65
C ALA B 311 7.03 33.60 29.88
N ASP B 312 6.01 32.71 29.86
CA ASP B 312 5.03 32.53 30.94
C ASP B 312 5.47 31.52 32.00
N ASP B 313 6.56 30.78 31.77
CA ASP B 313 7.09 29.82 32.74
C ASP B 313 7.60 30.51 34.03
N LYS C 8 -41.07 -31.96 -38.75
CA LYS C 8 -39.96 -32.77 -38.27
C LYS C 8 -40.07 -32.99 -36.76
N LEU C 9 -40.20 -31.88 -35.98
CA LEU C 9 -40.27 -31.90 -34.51
C LEU C 9 -41.46 -32.66 -33.94
N ARG C 10 -42.68 -32.31 -34.42
CA ARG C 10 -43.94 -32.93 -34.00
C ARG C 10 -43.99 -34.42 -34.33
N TYR C 11 -43.18 -34.86 -35.31
CA TYR C 11 -43.11 -36.24 -35.75
C TYR C 11 -41.99 -37.08 -35.10
N MET C 12 -41.20 -36.46 -34.23
CA MET C 12 -40.12 -37.13 -33.51
C MET C 12 -40.65 -37.90 -32.29
N SER C 13 -40.16 -39.11 -32.08
CA SER C 13 -40.64 -39.90 -30.95
C SER C 13 -39.91 -39.57 -29.64
N ARG C 14 -40.39 -40.14 -28.51
CA ARG C 14 -39.79 -40.01 -27.19
C ARG C 14 -38.41 -40.67 -27.19
N ASP C 15 -38.25 -41.83 -27.88
CA ASP C 15 -36.95 -42.49 -28.02
C ASP C 15 -35.98 -41.60 -28.80
N ASP C 16 -36.47 -40.92 -29.85
CA ASP C 16 -35.65 -39.98 -30.64
C ASP C 16 -35.05 -38.89 -29.77
N PHE C 17 -35.88 -38.26 -28.91
CA PHE C 17 -35.43 -37.21 -27.99
C PHE C 17 -34.57 -37.78 -26.89
N ARG C 18 -34.86 -39.00 -26.39
CA ARG C 18 -34.05 -39.63 -25.35
C ARG C 18 -32.61 -39.84 -25.85
N VAL C 19 -32.48 -40.30 -27.12
CA VAL C 19 -31.18 -40.53 -27.75
C VAL C 19 -30.47 -39.22 -28.04
N LEU C 20 -31.22 -38.24 -28.56
CA LEU C 20 -30.69 -36.92 -28.86
C LEU C 20 -30.15 -36.25 -27.57
N THR C 21 -30.87 -36.41 -26.45
CA THR C 21 -30.48 -35.92 -25.12
C THR C 21 -29.26 -36.71 -24.63
N ALA C 22 -29.18 -38.03 -24.92
CA ALA C 22 -28.03 -38.86 -24.54
C ALA C 22 -26.75 -38.40 -25.25
N VAL C 23 -26.84 -37.99 -26.53
CA VAL C 23 -25.70 -37.46 -27.30
C VAL C 23 -25.24 -36.15 -26.64
N GLU C 24 -26.23 -35.32 -26.24
CA GLU C 24 -26.04 -34.04 -25.57
C GLU C 24 -25.28 -34.21 -24.25
N MET C 25 -25.76 -35.17 -23.43
CA MET C 25 -25.19 -35.55 -22.14
C MET C 25 -23.76 -36.06 -22.27
N GLY C 26 -23.50 -36.90 -23.26
CA GLY C 26 -22.17 -37.42 -23.54
C GLY C 26 -21.21 -36.35 -24.02
N MET C 27 -21.76 -35.30 -24.66
CA MET C 27 -20.94 -34.20 -25.19
C MET C 27 -20.39 -33.24 -24.13
N LYS C 28 -20.84 -33.39 -22.88
CA LYS C 28 -20.35 -32.59 -21.78
C LYS C 28 -18.87 -32.95 -21.43
N ASN C 29 -18.46 -34.23 -21.67
CA ASN C 29 -17.12 -34.77 -21.39
C ASN C 29 -16.44 -35.40 -22.61
N HIS C 30 -17.15 -35.52 -23.74
CA HIS C 30 -16.59 -36.15 -24.96
C HIS C 30 -16.80 -35.29 -26.19
N GLU C 31 -15.72 -35.08 -26.95
CA GLU C 31 -15.67 -34.33 -28.19
C GLU C 31 -16.49 -35.07 -29.25
N ILE C 32 -16.40 -36.41 -29.24
CA ILE C 32 -17.12 -37.35 -30.12
C ILE C 32 -17.72 -38.41 -29.13
N VAL C 33 -19.05 -38.64 -29.18
CA VAL C 33 -19.73 -39.57 -28.26
C VAL C 33 -19.86 -40.98 -28.87
N PRO C 34 -19.15 -41.98 -28.29
CA PRO C 34 -19.28 -43.36 -28.82
C PRO C 34 -20.70 -43.89 -28.65
N GLY C 35 -21.16 -44.67 -29.62
CA GLY C 35 -22.51 -45.25 -29.63
C GLY C 35 -22.87 -46.05 -28.39
N SER C 36 -21.87 -46.75 -27.82
CA SER C 36 -22.00 -47.55 -26.60
C SER C 36 -22.36 -46.66 -25.41
N LEU C 37 -21.77 -45.46 -25.36
CA LEU C 37 -22.03 -44.47 -24.31
C LEU C 37 -23.42 -43.85 -24.50
N ILE C 38 -23.80 -43.51 -25.74
CA ILE C 38 -25.13 -42.98 -26.08
C ILE C 38 -26.18 -44.00 -25.61
N ALA C 39 -26.00 -45.28 -25.96
CA ALA C 39 -26.90 -46.39 -25.62
C ALA C 39 -27.05 -46.55 -24.10
N SER C 40 -25.92 -46.51 -23.37
CA SER C 40 -25.85 -46.61 -21.92
C SER C 40 -26.61 -45.44 -21.25
N ILE C 41 -26.41 -44.19 -21.74
CA ILE C 41 -27.08 -42.99 -21.21
C ILE C 41 -28.59 -43.02 -21.55
N ALA C 42 -28.94 -43.27 -22.83
CA ALA C 42 -30.34 -43.31 -23.30
C ALA C 42 -31.17 -44.33 -22.53
N SER C 43 -30.56 -45.49 -22.18
CA SER C 43 -31.21 -46.60 -21.45
C SER C 43 -32.62 -46.90 -21.99
N LEU C 44 -32.72 -47.12 -23.32
CA LEU C 44 -33.97 -47.46 -24.01
C LEU C 44 -34.42 -48.80 -23.48
N LYS C 45 -35.64 -48.82 -22.91
CA LYS C 45 -36.24 -50.00 -22.27
C LYS C 45 -36.22 -51.26 -23.13
N HIS C 46 -36.32 -51.11 -24.47
CA HIS C 46 -36.36 -52.23 -25.41
C HIS C 46 -35.36 -52.12 -26.58
N GLY C 47 -34.23 -51.44 -26.35
CA GLY C 47 -33.19 -51.23 -27.35
C GLY C 47 -33.65 -50.39 -28.53
N GLY C 48 -33.08 -50.66 -29.71
CA GLY C 48 -33.39 -49.94 -30.94
C GLY C 48 -32.65 -48.61 -31.07
N CYS C 49 -31.61 -48.46 -30.27
CA CYS C 49 -30.79 -47.24 -30.24
C CYS C 49 -30.16 -46.94 -31.61
N ASN C 50 -29.60 -48.00 -32.28
CA ASN C 50 -28.95 -47.88 -33.61
C ASN C 50 -29.90 -47.36 -34.69
N LYS C 51 -31.17 -47.80 -34.66
CA LYS C 51 -32.21 -47.37 -35.60
C LYS C 51 -32.51 -45.89 -35.35
N VAL C 52 -32.57 -45.50 -34.06
CA VAL C 52 -32.79 -44.10 -33.68
C VAL C 52 -31.61 -43.25 -34.16
N LEU C 53 -30.36 -43.71 -33.91
CA LEU C 53 -29.14 -43.00 -34.34
C LEU C 53 -29.12 -42.77 -35.85
N ARG C 54 -29.48 -43.79 -36.66
CA ARG C 54 -29.54 -43.69 -38.12
C ARG C 54 -30.56 -42.66 -38.62
N GLU C 55 -31.75 -42.60 -37.99
CA GLU C 55 -32.75 -41.58 -38.34
C GLU C 55 -32.29 -40.16 -37.96
N LEU C 56 -31.59 -40.02 -36.83
CA LEU C 56 -31.07 -38.70 -36.38
C LEU C 56 -30.00 -38.18 -37.34
N VAL C 57 -29.16 -39.10 -37.85
CA VAL C 57 -28.12 -38.82 -38.85
C VAL C 57 -28.81 -38.39 -40.18
N LYS C 58 -29.82 -39.15 -40.62
CA LYS C 58 -30.62 -38.89 -41.83
C LYS C 58 -31.25 -37.48 -41.78
N HIS C 59 -31.80 -37.09 -40.61
CA HIS C 59 -32.41 -35.78 -40.39
C HIS C 59 -31.39 -34.68 -40.06
N LYS C 60 -30.07 -35.00 -40.11
CA LYS C 60 -28.94 -34.11 -39.83
C LYS C 60 -28.97 -33.45 -38.43
N LEU C 61 -29.56 -34.14 -37.45
CA LEU C 61 -29.65 -33.71 -36.06
C LEU C 61 -28.38 -34.13 -35.32
N ILE C 62 -27.69 -35.17 -35.82
CA ILE C 62 -26.41 -35.64 -35.32
C ILE C 62 -25.47 -35.93 -36.50
N ALA C 63 -24.15 -35.96 -36.24
CA ALA C 63 -23.18 -36.26 -37.29
C ALA C 63 -22.23 -37.32 -36.79
N TRP C 64 -21.88 -38.24 -37.67
CA TRP C 64 -20.93 -39.30 -37.33
C TRP C 64 -19.51 -38.79 -37.57
N GLU C 65 -18.58 -39.10 -36.65
CA GLU C 65 -17.19 -38.67 -36.72
C GLU C 65 -16.24 -39.79 -36.36
N ARG C 66 -15.19 -39.94 -37.19
CA ARG C 66 -14.12 -40.93 -37.05
C ARG C 66 -12.75 -40.27 -37.00
N THR C 67 -12.08 -40.37 -35.83
CA THR C 67 -10.71 -39.93 -35.54
C THR C 67 -9.89 -41.24 -35.59
N LYS C 68 -8.55 -41.16 -35.58
CA LYS C 68 -7.68 -42.35 -35.57
C LYS C 68 -7.89 -43.19 -34.30
N THR C 69 -8.25 -42.54 -33.17
CA THR C 69 -8.47 -43.19 -31.87
C THR C 69 -9.94 -43.36 -31.42
N VAL C 70 -10.84 -42.45 -31.85
CA VAL C 70 -12.24 -42.49 -31.46
C VAL C 70 -13.20 -42.42 -32.66
N GLN C 71 -14.36 -43.09 -32.51
CA GLN C 71 -15.45 -43.13 -33.49
C GLN C 71 -16.74 -42.81 -32.73
N GLY C 72 -17.60 -41.99 -33.31
CA GLY C 72 -18.85 -41.66 -32.65
C GLY C 72 -19.66 -40.52 -33.22
N TYR C 73 -20.53 -39.96 -32.37
CA TYR C 73 -21.47 -38.94 -32.78
C TYR C 73 -21.35 -37.64 -32.05
N ARG C 74 -21.77 -36.58 -32.75
CA ARG C 74 -21.85 -35.23 -32.20
C ARG C 74 -23.18 -34.68 -32.58
N LEU C 75 -23.72 -33.87 -31.68
CA LEU C 75 -24.96 -33.14 -31.89
C LEU C 75 -24.60 -32.08 -32.92
N THR C 76 -25.49 -31.79 -33.85
CA THR C 76 -25.24 -30.70 -34.81
C THR C 76 -25.95 -29.46 -34.26
N ASN C 77 -25.77 -28.30 -34.92
CA ASN C 77 -26.52 -27.09 -34.55
C ASN C 77 -28.02 -27.36 -34.65
N ALA C 78 -28.46 -28.05 -35.72
CA ALA C 78 -29.86 -28.42 -35.91
C ALA C 78 -30.35 -29.36 -34.75
N GLY C 79 -29.50 -30.31 -34.34
CA GLY C 79 -29.82 -31.19 -33.20
C GLY C 79 -30.01 -30.44 -31.89
N TYR C 80 -29.11 -29.49 -31.59
CA TYR C 80 -29.17 -28.63 -30.40
C TYR C 80 -30.43 -27.77 -30.45
N ASP C 81 -30.65 -27.09 -31.62
CA ASP C 81 -31.87 -26.27 -31.84
C ASP C 81 -33.12 -27.09 -31.57
N TYR C 82 -33.19 -28.34 -32.06
CA TYR C 82 -34.37 -29.19 -31.85
C TYR C 82 -34.62 -29.54 -30.39
N LEU C 83 -33.57 -29.71 -29.59
CA LEU C 83 -33.70 -30.01 -28.16
C LEU C 83 -34.28 -28.80 -27.44
N ALA C 84 -33.75 -27.60 -27.74
CA ALA C 84 -34.22 -26.36 -27.14
C ALA C 84 -35.64 -26.10 -27.58
N LEU C 85 -35.95 -26.28 -28.88
CA LEU C 85 -37.29 -26.02 -29.43
C LEU C 85 -38.32 -27.03 -28.93
N LYS C 86 -37.90 -28.32 -28.70
CA LYS C 86 -38.84 -29.30 -28.13
C LYS C 86 -39.22 -28.86 -26.70
N THR C 87 -38.24 -28.43 -25.88
CA THR C 87 -38.50 -27.93 -24.53
C THR C 87 -39.44 -26.70 -24.55
N LEU C 88 -39.13 -25.70 -25.40
CA LEU C 88 -39.94 -24.48 -25.49
C LEU C 88 -41.36 -24.75 -25.97
N SER C 89 -41.52 -25.74 -26.87
CA SER C 89 -42.82 -26.18 -27.38
C SER C 89 -43.63 -26.84 -26.26
N SER C 90 -42.98 -27.71 -25.44
CA SER C 90 -43.60 -28.38 -24.29
C SER C 90 -44.14 -27.39 -23.26
N ARG C 91 -43.47 -26.22 -23.13
CA ARG C 91 -43.86 -25.14 -22.21
C ARG C 91 -44.87 -24.19 -22.84
N GLN C 92 -45.27 -24.44 -24.11
CA GLN C 92 -46.22 -23.62 -24.90
C GLN C 92 -45.68 -22.22 -25.23
N VAL C 93 -44.36 -22.05 -25.17
CA VAL C 93 -43.69 -20.78 -25.46
C VAL C 93 -43.50 -20.61 -26.98
N VAL C 94 -43.08 -21.67 -27.70
CA VAL C 94 -42.82 -21.64 -29.13
C VAL C 94 -43.51 -22.81 -29.80
N GLU C 95 -44.36 -22.52 -30.79
CA GLU C 95 -45.04 -23.55 -31.56
C GLU C 95 -44.43 -23.64 -32.95
N SER C 96 -44.08 -22.48 -33.56
CA SER C 96 -43.50 -22.42 -34.91
C SER C 96 -42.38 -21.43 -35.00
N VAL C 97 -41.42 -21.72 -35.89
CA VAL C 97 -40.25 -20.89 -36.16
C VAL C 97 -40.37 -20.39 -37.58
N GLY C 98 -40.24 -19.10 -37.76
CA GLY C 98 -40.32 -18.47 -39.06
C GLY C 98 -38.96 -18.19 -39.66
N ASN C 99 -38.89 -17.11 -40.43
CA ASN C 99 -37.69 -16.64 -41.10
C ASN C 99 -36.65 -16.16 -40.11
N GLN C 100 -35.38 -16.39 -40.45
CA GLN C 100 -34.26 -15.86 -39.71
C GLN C 100 -34.28 -14.36 -40.03
N MET C 101 -34.37 -13.52 -39.04
CA MET C 101 -34.45 -12.10 -39.29
C MET C 101 -33.11 -11.38 -39.26
N GLY C 102 -32.16 -11.95 -38.55
CA GLY C 102 -30.84 -11.35 -38.46
C GLY C 102 -29.85 -12.15 -37.66
N VAL C 103 -28.81 -11.45 -37.19
CA VAL C 103 -27.72 -12.06 -36.45
C VAL C 103 -27.30 -11.15 -35.33
N GLY C 104 -26.86 -11.74 -34.23
CA GLY C 104 -26.22 -11.05 -33.11
C GLY C 104 -24.73 -11.36 -33.28
N LYS C 105 -23.87 -10.89 -32.40
CA LYS C 105 -22.44 -11.18 -32.56
C LYS C 105 -22.15 -12.71 -32.57
N GLU C 106 -22.87 -13.46 -31.74
CA GLU C 106 -22.69 -14.91 -31.56
C GLU C 106 -24.04 -15.64 -31.49
N SER C 107 -25.01 -15.21 -32.30
CA SER C 107 -26.36 -15.80 -32.31
C SER C 107 -27.09 -15.51 -33.60
N ASP C 108 -28.09 -16.35 -33.89
CA ASP C 108 -29.01 -16.23 -35.00
C ASP C 108 -30.36 -15.81 -34.44
N ILE C 109 -31.03 -14.88 -35.13
CA ILE C 109 -32.32 -14.34 -34.67
C ILE C 109 -33.43 -14.74 -35.60
N TYR C 110 -34.53 -15.27 -35.04
CA TYR C 110 -35.70 -15.71 -35.80
C TYR C 110 -36.98 -15.14 -35.17
N ILE C 111 -38.04 -15.05 -35.97
CA ILE C 111 -39.38 -14.71 -35.50
C ILE C 111 -39.99 -16.07 -35.19
N VAL C 112 -40.65 -16.17 -34.04
CA VAL C 112 -41.34 -17.40 -33.65
C VAL C 112 -42.77 -17.04 -33.28
N ALA C 113 -43.65 -18.04 -33.26
CA ALA C 113 -45.03 -17.85 -32.84
C ALA C 113 -45.39 -18.92 -31.80
N ASN C 114 -46.22 -18.52 -30.82
CA ASN C 114 -46.75 -19.44 -29.83
C ASN C 114 -47.98 -20.14 -30.48
N GLU C 115 -48.70 -20.96 -29.70
CA GLU C 115 -49.92 -21.65 -30.20
C GLU C 115 -50.98 -20.66 -30.66
N GLU C 116 -51.17 -19.56 -29.91
CA GLU C 116 -52.17 -18.50 -30.16
C GLU C 116 -51.86 -17.65 -31.41
N GLY C 117 -50.63 -17.76 -31.93
CA GLY C 117 -50.18 -17.01 -33.10
C GLY C 117 -49.49 -15.69 -32.80
N GLN C 118 -49.30 -15.37 -31.50
CA GLN C 118 -48.59 -14.16 -31.07
C GLN C 118 -47.08 -14.36 -31.39
N GLN C 119 -46.44 -13.35 -32.02
CA GLN C 119 -45.05 -13.37 -32.47
C GLN C 119 -44.04 -12.83 -31.45
N PHE C 120 -42.87 -13.48 -31.39
CA PHE C 120 -41.75 -13.18 -30.48
C PHE C 120 -40.47 -13.33 -31.25
N ALA C 121 -39.37 -12.97 -30.62
CA ALA C 121 -38.09 -13.15 -31.24
C ALA C 121 -37.41 -14.27 -30.52
N LEU C 122 -36.67 -15.08 -31.28
CA LEU C 122 -35.89 -16.19 -30.77
C LEU C 122 -34.43 -15.95 -31.13
N LYS C 123 -33.56 -16.04 -30.14
CA LYS C 123 -32.13 -15.94 -30.37
C LYS C 123 -31.49 -17.27 -30.04
N LEU C 124 -30.84 -17.88 -31.02
CA LEU C 124 -30.11 -19.15 -30.82
C LEU C 124 -28.63 -18.82 -30.84
N HIS C 125 -27.98 -18.98 -29.68
CA HIS C 125 -26.58 -18.67 -29.44
C HIS C 125 -25.64 -19.77 -29.94
N ARG C 126 -24.58 -19.37 -30.65
CA ARG C 126 -23.62 -20.30 -31.29
C ARG C 126 -22.21 -19.78 -31.03
N LEU C 127 -21.46 -20.46 -30.13
CA LEU C 127 -20.12 -20.01 -29.70
C LEU C 127 -19.30 -21.24 -29.40
N GLY C 128 -18.01 -21.18 -29.72
CA GLY C 128 -17.05 -22.25 -29.45
C GLY C 128 -16.51 -22.85 -30.74
N ARG C 129 -15.23 -23.20 -30.73
CA ARG C 129 -14.54 -23.74 -31.90
C ARG C 129 -14.11 -25.21 -31.72
N THR C 130 -14.54 -25.81 -30.62
CA THR C 130 -14.36 -27.23 -30.39
C THR C 130 -15.71 -27.86 -30.18
N ASN C 147 -16.43 -29.33 -29.89
CA ASN C 147 -17.80 -29.79 -29.75
C ASN C 147 -18.14 -29.51 -28.30
N VAL C 148 -17.18 -29.78 -27.40
CA VAL C 148 -17.31 -29.60 -25.94
C VAL C 148 -17.51 -28.13 -25.56
N SER C 149 -16.62 -27.24 -26.04
CA SER C 149 -16.78 -25.82 -25.71
C SER C 149 -17.96 -25.20 -26.45
N TRP C 150 -18.31 -25.74 -27.64
CA TRP C 150 -19.49 -25.24 -28.33
C TRP C 150 -20.78 -25.52 -27.55
N LEU C 151 -20.93 -26.70 -26.96
CA LEU C 151 -22.14 -27.06 -26.17
C LEU C 151 -22.27 -26.14 -24.92
N TYR C 152 -21.17 -26.02 -24.20
CA TYR C 152 -21.10 -25.22 -22.99
C TYR C 152 -21.20 -23.71 -23.24
N LEU C 153 -20.40 -23.17 -24.17
CA LEU C 153 -20.38 -21.73 -24.45
C LEU C 153 -21.68 -21.19 -25.04
N SER C 154 -22.33 -21.95 -25.90
CA SER C 154 -23.60 -21.53 -26.53
C SER C 154 -24.67 -21.42 -25.45
N ARG C 155 -24.70 -22.38 -24.50
CA ARG C 155 -25.65 -22.38 -23.38
C ARG C 155 -25.34 -21.21 -22.43
N LEU C 156 -24.04 -21.02 -22.09
CA LEU C 156 -23.66 -19.90 -21.23
C LEU C 156 -23.96 -18.54 -21.83
N SER C 157 -23.75 -18.38 -23.13
CA SER C 157 -24.02 -17.13 -23.85
C SER C 157 -25.53 -16.82 -23.77
N ALA C 158 -26.40 -17.85 -23.92
CA ALA C 158 -27.86 -17.65 -23.84
C ALA C 158 -28.26 -17.31 -22.41
N MET C 159 -27.69 -18.01 -21.39
CA MET C 159 -28.00 -17.77 -19.98
C MET C 159 -27.65 -16.34 -19.61
N LYS C 160 -26.45 -15.91 -19.99
CA LYS C 160 -25.94 -14.56 -19.72
C LYS C 160 -26.88 -13.51 -20.33
N GLU C 161 -27.30 -13.71 -21.58
CA GLU C 161 -28.20 -12.78 -22.27
C GLU C 161 -29.53 -12.68 -21.52
N PHE C 162 -30.13 -13.81 -21.16
CA PHE C 162 -31.41 -13.82 -20.45
C PHE C 162 -31.27 -13.14 -19.09
N ALA C 163 -30.19 -13.44 -18.33
CA ALA C 163 -29.95 -12.83 -17.01
C ALA C 163 -29.74 -11.32 -17.10
N TYR C 164 -28.94 -10.85 -18.09
CA TYR C 164 -28.72 -9.41 -18.27
C TYR C 164 -29.93 -8.72 -18.82
N MET C 165 -30.67 -9.38 -19.73
CA MET C 165 -31.87 -8.77 -20.28
C MET C 165 -32.90 -8.58 -19.17
N LYS C 166 -33.02 -9.56 -18.27
CA LYS C 166 -33.96 -9.48 -17.14
C LYS C 166 -33.56 -8.34 -16.18
N ALA C 167 -32.26 -8.28 -15.80
CA ALA C 167 -31.69 -7.26 -14.91
C ALA C 167 -31.82 -5.85 -15.50
N LEU C 168 -31.62 -5.70 -16.81
CA LEU C 168 -31.74 -4.41 -17.48
C LEU C 168 -33.21 -4.02 -17.66
N TYR C 169 -34.08 -4.97 -18.07
CA TYR C 169 -35.51 -4.69 -18.25
C TYR C 169 -36.17 -4.19 -16.95
N GLU C 170 -35.78 -4.77 -15.80
CA GLU C 170 -36.32 -4.41 -14.47
C GLU C 170 -35.85 -3.02 -14.02
N ARG C 171 -34.76 -2.53 -14.60
CA ARG C 171 -34.19 -1.21 -14.33
C ARG C 171 -34.64 -0.18 -15.37
N LYS C 172 -35.70 -0.52 -16.15
CA LYS C 172 -36.29 0.32 -17.19
C LYS C 172 -35.34 0.70 -18.33
N PHE C 173 -34.40 -0.20 -18.68
CA PHE C 173 -33.52 -0.02 -19.82
C PHE C 173 -34.28 -0.38 -21.10
N PRO C 174 -33.97 0.24 -22.27
CA PRO C 174 -34.69 -0.13 -23.50
C PRO C 174 -34.10 -1.43 -24.12
N VAL C 175 -34.56 -2.57 -23.60
CA VAL C 175 -34.15 -3.92 -24.02
C VAL C 175 -35.47 -4.67 -24.25
N PRO C 176 -35.52 -5.75 -25.08
CA PRO C 176 -36.79 -6.49 -25.21
C PRO C 176 -37.17 -7.14 -23.88
N LYS C 177 -38.46 -7.34 -23.62
CA LYS C 177 -38.85 -8.04 -22.41
C LYS C 177 -38.42 -9.53 -22.57
N PRO C 178 -37.65 -10.10 -21.61
CA PRO C 178 -37.27 -11.53 -21.74
C PRO C 178 -38.46 -12.43 -21.40
N ILE C 179 -38.68 -13.48 -22.18
CA ILE C 179 -39.84 -14.36 -22.00
C ILE C 179 -39.42 -15.70 -21.42
N ASP C 180 -38.49 -16.38 -22.10
CA ASP C 180 -38.04 -17.69 -21.66
C ASP C 180 -36.64 -18.00 -22.15
N TYR C 181 -36.10 -19.08 -21.58
CA TYR C 181 -34.76 -19.55 -21.82
C TYR C 181 -34.70 -21.09 -21.77
N ASN C 182 -33.93 -21.70 -22.66
CA ASN C 182 -33.54 -23.10 -22.63
C ASN C 182 -32.30 -23.34 -23.44
N ARG C 183 -31.27 -23.98 -22.81
CA ARG C 183 -29.99 -24.34 -23.48
C ARG C 183 -29.38 -23.09 -24.13
N HIS C 184 -29.19 -23.07 -25.45
CA HIS C 184 -28.61 -21.90 -26.18
C HIS C 184 -29.70 -20.94 -26.74
N ALA C 185 -30.97 -21.14 -26.34
CA ALA C 185 -32.11 -20.39 -26.85
C ALA C 185 -32.68 -19.37 -25.86
N VAL C 186 -33.02 -18.19 -26.35
CA VAL C 186 -33.64 -17.09 -25.59
C VAL C 186 -34.85 -16.65 -26.39
N VAL C 187 -36.00 -16.59 -25.73
CA VAL C 187 -37.26 -16.12 -26.31
C VAL C 187 -37.49 -14.75 -25.66
N MET C 188 -37.82 -13.75 -26.47
CA MET C 188 -38.03 -12.40 -25.97
C MET C 188 -39.08 -11.69 -26.80
N GLU C 189 -39.46 -10.50 -26.35
CA GLU C 189 -40.39 -9.60 -27.02
C GLU C 189 -39.87 -9.28 -28.44
N LEU C 190 -40.75 -9.31 -29.42
CA LEU C 190 -40.42 -8.93 -30.78
C LEU C 190 -40.57 -7.41 -30.87
N ILE C 191 -39.49 -6.69 -31.18
CA ILE C 191 -39.56 -5.24 -31.31
C ILE C 191 -40.10 -4.91 -32.70
N ASN C 192 -41.07 -4.01 -32.76
CA ASN C 192 -41.62 -3.53 -34.02
C ASN C 192 -40.73 -2.38 -34.53
N GLY C 193 -39.62 -2.74 -35.16
CA GLY C 193 -38.68 -1.78 -35.71
C GLY C 193 -37.64 -2.43 -36.59
N TYR C 194 -36.59 -1.70 -36.96
CA TYR C 194 -35.54 -2.22 -37.84
C TYR C 194 -34.20 -1.87 -37.27
N PRO C 195 -33.13 -2.67 -37.53
CA PRO C 195 -31.81 -2.28 -37.02
C PRO C 195 -31.42 -1.01 -37.71
N LEU C 196 -30.73 -0.16 -36.97
CA LEU C 196 -30.26 1.14 -37.42
C LEU C 196 -29.49 1.04 -38.76
N CYS C 197 -28.75 -0.08 -38.97
CA CYS C 197 -27.97 -0.33 -40.21
C CYS C 197 -28.84 -0.36 -41.46
N GLN C 198 -30.12 -0.73 -41.31
CA GLN C 198 -31.07 -0.78 -42.43
C GLN C 198 -31.84 0.52 -42.64
N ILE C 199 -31.59 1.53 -41.79
CA ILE C 199 -32.29 2.81 -41.89
C ILE C 199 -31.45 3.84 -42.63
N HIS C 200 -31.99 4.39 -43.74
CA HIS C 200 -31.27 5.40 -44.52
C HIS C 200 -31.80 6.82 -44.32
N HIS C 201 -33.00 6.95 -43.74
CA HIS C 201 -33.58 8.25 -43.42
C HIS C 201 -34.35 8.21 -42.11
N VAL C 202 -34.13 9.24 -41.30
CA VAL C 202 -34.79 9.45 -40.01
C VAL C 202 -35.24 10.92 -39.94
N GLU C 203 -36.44 11.16 -39.37
CA GLU C 203 -37.06 12.49 -39.27
C GLU C 203 -36.19 13.51 -38.55
N ASP C 204 -35.61 13.13 -37.41
CA ASP C 204 -34.75 14.00 -36.62
C ASP C 204 -33.51 13.22 -36.17
N PRO C 205 -32.39 13.27 -36.95
CA PRO C 205 -31.18 12.51 -36.56
C PRO C 205 -30.65 12.89 -35.18
N ALA C 206 -30.77 14.19 -34.79
CA ALA C 206 -30.30 14.69 -33.50
C ALA C 206 -30.94 13.99 -32.30
N SER C 207 -32.26 13.71 -32.38
CA SER C 207 -33.00 13.03 -31.32
C SER C 207 -32.57 11.58 -31.15
N VAL C 208 -32.36 10.87 -32.29
CA VAL C 208 -31.95 9.45 -32.28
C VAL C 208 -30.53 9.37 -31.74
N TYR C 209 -29.66 10.31 -32.17
CA TYR C 209 -28.27 10.41 -31.75
C TYR C 209 -28.24 10.58 -30.23
N ASP C 210 -29.06 11.49 -29.68
CA ASP C 210 -29.15 11.73 -28.23
C ASP C 210 -29.63 10.53 -27.49
N GLU C 211 -30.60 9.86 -28.08
CA GLU C 211 -31.14 8.68 -27.45
C GLU C 211 -30.09 7.56 -27.35
N ALA C 212 -29.23 7.42 -28.39
CA ALA C 212 -28.17 6.41 -28.40
C ALA C 212 -27.10 6.79 -27.38
N MET C 213 -26.73 8.08 -27.33
CA MET C 213 -25.76 8.60 -26.35
C MET C 213 -26.25 8.46 -24.91
N GLU C 214 -27.56 8.72 -24.66
CA GLU C 214 -28.19 8.57 -23.33
C GLU C 214 -28.15 7.13 -22.87
N LEU C 215 -28.27 6.17 -23.80
CA LEU C 215 -28.19 4.73 -23.49
C LEU C 215 -26.78 4.34 -23.02
N ILE C 216 -25.75 4.84 -23.70
CA ILE C 216 -24.36 4.65 -23.26
C ILE C 216 -24.18 5.19 -21.83
N VAL C 217 -24.70 6.39 -21.54
CA VAL C 217 -24.60 7.07 -20.24
C VAL C 217 -25.31 6.25 -19.16
N LYS C 218 -26.59 5.84 -19.42
CA LYS C 218 -27.40 5.07 -18.47
C LYS C 218 -26.71 3.76 -18.12
N LEU C 219 -26.15 3.06 -19.14
CA LEU C 219 -25.41 1.82 -18.94
C LEU C 219 -24.23 2.05 -18.01
N ALA C 220 -23.43 3.08 -18.28
CA ALA C 220 -22.25 3.43 -17.48
C ALA C 220 -22.60 3.79 -16.04
N ASN C 221 -23.73 4.53 -15.82
CA ASN C 221 -24.25 4.87 -14.48
C ASN C 221 -24.67 3.60 -13.72
N HIS C 222 -24.95 2.51 -14.46
CA HIS C 222 -25.31 1.23 -13.88
C HIS C 222 -24.12 0.23 -13.86
N GLY C 223 -22.92 0.74 -14.15
CA GLY C 223 -21.66 -0.01 -14.09
C GLY C 223 -21.29 -0.80 -15.32
N LEU C 224 -21.95 -0.50 -16.48
CA LEU C 224 -21.71 -1.27 -17.70
C LEU C 224 -21.30 -0.46 -18.92
N ILE C 225 -20.47 -1.08 -19.77
CA ILE C 225 -20.08 -0.54 -21.05
C ILE C 225 -20.45 -1.64 -22.04
N HIS C 226 -21.22 -1.29 -23.07
CA HIS C 226 -21.68 -2.27 -24.05
C HIS C 226 -20.56 -3.08 -24.69
N GLY C 227 -19.56 -2.39 -25.24
CA GLY C 227 -18.41 -3.05 -25.88
C GLY C 227 -18.54 -3.27 -27.37
N ASP C 228 -19.78 -3.37 -27.88
CA ASP C 228 -20.08 -3.56 -29.31
C ASP C 228 -21.23 -2.67 -29.72
N PHE C 229 -21.32 -1.44 -29.16
CA PHE C 229 -22.44 -0.53 -29.38
C PHE C 229 -22.44 -0.05 -30.83
N ASN C 230 -23.43 -0.46 -31.61
CA ASN C 230 -23.43 -0.15 -33.05
C ASN C 230 -24.79 -0.26 -33.70
N GLU C 231 -24.83 0.04 -35.01
CA GLU C 231 -26.03 0.05 -35.85
C GLU C 231 -26.65 -1.33 -36.08
N PHE C 232 -25.91 -2.40 -35.80
CA PHE C 232 -26.38 -3.79 -35.98
C PHE C 232 -27.20 -4.28 -34.80
N ASN C 233 -26.94 -3.76 -33.61
CA ASN C 233 -27.67 -4.25 -32.44
C ASN C 233 -28.60 -3.23 -31.79
N LEU C 234 -28.86 -2.10 -32.47
CA LEU C 234 -29.79 -1.07 -32.01
C LEU C 234 -30.97 -1.04 -32.99
N ILE C 235 -32.18 -1.30 -32.47
CA ILE C 235 -33.40 -1.32 -33.27
C ILE C 235 -34.16 -0.02 -33.08
N LEU C 236 -34.60 0.58 -34.16
CA LEU C 236 -35.39 1.80 -34.13
C LEU C 236 -36.84 1.40 -34.39
N ASP C 237 -37.76 1.71 -33.45
CA ASP C 237 -39.18 1.37 -33.62
C ASP C 237 -39.92 2.44 -34.45
N GLU C 238 -41.24 2.36 -34.48
CA GLU C 238 -42.08 3.26 -35.27
C GLU C 238 -42.09 4.70 -34.78
N SER C 239 -41.78 4.92 -33.48
CA SER C 239 -41.72 6.25 -32.86
C SER C 239 -40.25 6.74 -32.78
N ASP C 240 -39.34 6.06 -33.50
CA ASP C 240 -37.91 6.35 -33.54
C ASP C 240 -37.19 6.18 -32.20
N HIS C 241 -37.73 5.30 -31.35
CA HIS C 241 -37.11 4.93 -30.08
C HIS C 241 -36.21 3.73 -30.26
N ILE C 242 -35.07 3.74 -29.59
CA ILE C 242 -34.05 2.72 -29.70
C ILE C 242 -34.20 1.60 -28.67
N THR C 243 -34.07 0.33 -29.13
CA THR C 243 -34.01 -0.84 -28.26
C THR C 243 -32.68 -1.53 -28.57
N MET C 244 -31.98 -1.95 -27.52
CA MET C 244 -30.71 -2.67 -27.55
C MET C 244 -31.08 -4.17 -27.52
N ILE C 245 -30.63 -4.96 -28.51
CA ILE C 245 -31.01 -6.38 -28.66
C ILE C 245 -29.89 -7.44 -28.57
N ASP C 246 -28.64 -7.01 -28.42
CA ASP C 246 -27.48 -7.89 -28.37
C ASP C 246 -26.41 -7.18 -27.55
N PHE C 247 -25.85 -7.86 -26.53
CA PHE C 247 -24.83 -7.30 -25.64
C PHE C 247 -23.98 -8.45 -25.09
N PRO C 248 -23.23 -9.18 -25.95
CA PRO C 248 -22.53 -10.39 -25.49
C PRO C 248 -21.31 -10.24 -24.62
N GLN C 249 -20.59 -9.10 -24.74
CA GLN C 249 -19.29 -8.92 -24.07
C GLN C 249 -19.16 -7.58 -23.38
N MET C 250 -20.14 -7.26 -22.51
CA MET C 250 -20.11 -6.01 -21.77
C MET C 250 -18.92 -5.92 -20.84
N VAL C 251 -18.38 -4.72 -20.68
CA VAL C 251 -17.22 -4.43 -19.84
C VAL C 251 -17.71 -3.65 -18.61
N SER C 252 -17.15 -3.96 -17.44
CA SER C 252 -17.48 -3.25 -16.22
C SER C 252 -16.80 -1.85 -16.27
N THR C 253 -17.47 -0.81 -15.71
CA THR C 253 -16.89 0.54 -15.62
C THR C 253 -15.69 0.56 -14.67
N SER C 254 -15.52 -0.51 -13.90
CA SER C 254 -14.41 -0.72 -12.96
C SER C 254 -13.19 -1.34 -13.67
N HIS C 255 -13.31 -1.79 -14.95
CA HIS C 255 -12.19 -2.35 -15.71
C HIS C 255 -11.06 -1.29 -15.77
N PRO C 256 -9.75 -1.64 -15.61
CA PRO C 256 -8.72 -0.59 -15.70
C PRO C 256 -8.76 0.25 -16.98
N ASN C 257 -9.25 -0.33 -18.09
CA ASN C 257 -9.36 0.34 -19.39
C ASN C 257 -10.77 0.64 -19.83
N ALA C 258 -11.68 0.79 -18.85
CA ALA C 258 -13.10 1.10 -19.06
C ALA C 258 -13.29 2.36 -19.92
N GLU C 259 -12.48 3.41 -19.68
CA GLU C 259 -12.60 4.66 -20.42
C GLU C 259 -12.45 4.49 -21.93
N TRP C 260 -11.48 3.67 -22.35
CA TRP C 260 -11.24 3.37 -23.75
C TRP C 260 -12.47 2.67 -24.35
N TYR C 261 -13.05 1.67 -23.64
CA TYR C 261 -14.23 0.93 -24.09
C TYR C 261 -15.43 1.84 -24.22
N PHE C 262 -15.60 2.75 -23.25
CA PHE C 262 -16.67 3.76 -23.24
C PHE C 262 -16.53 4.69 -24.45
N ASP C 263 -15.30 5.24 -24.68
CA ASP C 263 -15.01 6.15 -25.79
C ASP C 263 -15.18 5.46 -27.12
N ARG C 264 -14.79 4.18 -27.21
CA ARG C 264 -14.93 3.43 -28.44
C ARG C 264 -16.41 3.28 -28.84
N ASP C 265 -17.31 2.96 -27.87
CA ASP C 265 -18.76 2.87 -28.14
C ASP C 265 -19.32 4.22 -28.61
N VAL C 266 -18.95 5.34 -27.94
CA VAL C 266 -19.36 6.72 -28.29
C VAL C 266 -18.92 7.01 -29.75
N LYS C 267 -17.65 6.72 -30.07
CA LYS C 267 -17.07 6.96 -31.39
C LYS C 267 -17.73 6.17 -32.50
N CYS C 268 -18.11 4.90 -32.24
CA CYS C 268 -18.78 4.07 -33.24
C CYS C 268 -20.12 4.68 -33.64
N ILE C 269 -20.81 5.22 -32.65
CA ILE C 269 -22.07 5.89 -32.85
C ILE C 269 -21.90 7.14 -33.68
N LYS C 270 -20.93 7.98 -33.33
CA LYS C 270 -20.59 9.22 -34.02
C LYS C 270 -20.21 8.92 -35.47
N ASP C 271 -19.42 7.85 -35.69
CA ASP C 271 -19.03 7.41 -37.02
C ASP C 271 -20.26 7.07 -37.88
N PHE C 272 -21.20 6.27 -37.34
CA PHE C 272 -22.40 5.86 -38.05
C PHE C 272 -23.31 7.03 -38.38
N PHE C 273 -23.56 7.94 -37.41
CA PHE C 273 -24.43 9.09 -37.65
C PHE C 273 -23.91 10.03 -38.71
N MET C 274 -22.57 10.21 -38.75
CA MET C 274 -21.92 11.04 -39.77
C MET C 274 -22.01 10.35 -41.15
N LYS C 275 -21.65 9.06 -41.22
CA LYS C 275 -21.67 8.28 -42.46
C LYS C 275 -23.08 8.12 -43.04
N ARG C 276 -24.06 7.77 -42.20
CA ARG C 276 -25.42 7.52 -42.63
C ARG C 276 -26.33 8.75 -42.75
N PHE C 277 -26.35 9.63 -41.75
CA PHE C 277 -27.26 10.79 -41.73
C PHE C 277 -26.61 12.13 -41.94
N SER C 278 -25.27 12.15 -42.14
CA SER C 278 -24.45 13.36 -42.27
C SER C 278 -24.65 14.25 -41.03
N TYR C 279 -24.93 13.59 -39.88
CA TYR C 279 -25.16 14.26 -38.60
C TYR C 279 -23.98 14.12 -37.67
N GLU C 280 -23.54 15.26 -37.14
CA GLU C 280 -22.43 15.44 -36.21
C GLU C 280 -22.88 16.38 -35.10
N SER C 281 -22.31 16.19 -33.90
CA SER C 281 -22.58 17.02 -32.72
C SER C 281 -21.34 17.06 -31.84
N GLU C 282 -21.17 18.17 -31.12
CA GLU C 282 -20.07 18.35 -30.17
C GLU C 282 -20.55 18.01 -28.76
N LEU C 283 -21.82 17.59 -28.64
CA LEU C 283 -22.50 17.13 -27.42
C LEU C 283 -22.52 15.62 -27.38
N PHE C 284 -21.47 15.03 -26.80
CA PHE C 284 -21.35 13.58 -26.67
C PHE C 284 -20.83 13.24 -25.26
N PRO C 285 -21.14 12.04 -24.72
CA PRO C 285 -20.70 11.70 -23.37
C PRO C 285 -19.19 11.57 -23.19
N THR C 286 -18.76 11.86 -21.96
CA THR C 286 -17.39 11.79 -21.46
C THR C 286 -17.44 10.81 -20.31
N PHE C 287 -16.41 9.97 -20.17
CA PHE C 287 -16.30 8.99 -19.09
C PHE C 287 -16.22 9.63 -17.67
N LYS C 288 -15.71 10.87 -17.56
CA LYS C 288 -15.62 11.58 -16.27
C LYS C 288 -16.99 12.03 -15.77
N ASP C 289 -17.97 12.15 -16.68
CA ASP C 289 -19.34 12.58 -16.40
C ASP C 289 -20.24 11.45 -15.85
N ILE C 290 -19.69 10.26 -15.59
CA ILE C 290 -20.46 9.11 -15.12
C ILE C 290 -21.19 9.23 -13.78
N ARG C 291 -20.49 9.57 -12.70
CA ARG C 291 -21.08 9.72 -11.34
C ARG C 291 -21.59 8.42 -10.64
N ARG C 292 -22.39 7.55 -11.35
CA ARG C 292 -22.95 6.28 -10.85
C ARG C 292 -23.95 6.48 -9.70
N ASP C 297 -27.57 -3.14 -7.92
CA ASP C 297 -26.54 -3.30 -8.95
C ASP C 297 -26.91 -4.40 -9.98
N VAL C 298 -26.93 -4.04 -11.29
CA VAL C 298 -27.27 -4.90 -12.42
C VAL C 298 -26.48 -6.22 -12.49
N GLU C 299 -25.15 -6.17 -12.27
CA GLU C 299 -24.26 -7.34 -12.24
C GLU C 299 -24.64 -8.30 -11.11
N VAL C 300 -24.99 -7.76 -9.92
CA VAL C 300 -25.44 -8.56 -8.77
C VAL C 300 -26.77 -9.28 -9.11
N SER C 301 -27.73 -8.55 -9.69
CA SER C 301 -29.02 -9.12 -10.08
C SER C 301 -28.84 -10.17 -11.18
N ALA C 302 -28.02 -9.85 -12.22
CA ALA C 302 -27.75 -10.77 -13.34
C ALA C 302 -27.05 -12.05 -12.85
N SER C 303 -26.07 -11.92 -11.92
CA SER C 303 -25.38 -13.09 -11.37
C SER C 303 -26.36 -13.99 -10.58
N GLY C 304 -27.27 -13.37 -9.82
CA GLY C 304 -28.32 -14.07 -9.08
C GLY C 304 -29.24 -14.85 -10.00
N TYR C 305 -29.64 -14.25 -11.14
CA TYR C 305 -30.47 -14.93 -12.14
C TYR C 305 -29.69 -16.05 -12.82
N THR C 306 -28.40 -15.84 -13.15
CA THR C 306 -27.56 -16.89 -13.77
C THR C 306 -27.45 -18.11 -12.84
N LYS C 307 -27.24 -17.90 -11.51
CA LYS C 307 -27.17 -19.00 -10.52
C LYS C 307 -28.48 -19.78 -10.46
N GLU C 308 -29.63 -19.09 -10.55
CA GLU C 308 -30.96 -19.72 -10.54
C GLU C 308 -31.11 -20.63 -11.77
N MET C 309 -30.71 -20.12 -12.93
CA MET C 309 -30.71 -20.87 -14.19
C MET C 309 -29.71 -22.03 -14.19
N GLN C 310 -28.50 -21.83 -13.64
CA GLN C 310 -27.48 -22.89 -13.55
C GLN C 310 -27.92 -24.05 -12.64
N ALA C 311 -28.75 -23.76 -11.61
CA ALA C 311 -29.30 -24.75 -10.68
C ALA C 311 -30.22 -25.75 -11.39
N ASP C 312 -30.98 -25.27 -12.40
CA ASP C 312 -31.92 -26.06 -13.20
C ASP C 312 -31.29 -26.79 -14.38
N MET D 12 0.39 -25.99 1.19
CA MET D 12 1.69 -26.35 1.77
C MET D 12 1.76 -27.85 2.13
N SER D 13 1.08 -28.31 3.19
CA SER D 13 1.07 -29.73 3.56
C SER D 13 0.28 -30.61 2.56
N ARG D 14 0.54 -31.93 2.58
CA ARG D 14 -0.14 -32.92 1.74
C ARG D 14 -1.66 -32.72 1.85
N ASP D 15 -2.18 -32.68 3.10
CA ASP D 15 -3.61 -32.53 3.39
C ASP D 15 -4.20 -31.24 2.89
N ASP D 16 -3.50 -30.11 3.12
CA ASP D 16 -3.97 -28.79 2.68
C ASP D 16 -4.18 -28.73 1.19
N PHE D 17 -3.20 -29.27 0.44
CA PHE D 17 -3.18 -29.30 -1.02
C PHE D 17 -4.25 -30.25 -1.57
N ARG D 18 -4.42 -31.40 -0.91
CA ARG D 18 -5.42 -32.39 -1.26
C ARG D 18 -6.85 -31.80 -1.14
N VAL D 19 -7.08 -31.03 -0.06
CA VAL D 19 -8.36 -30.40 0.22
C VAL D 19 -8.63 -29.28 -0.77
N LEU D 20 -7.62 -28.47 -1.05
CA LEU D 20 -7.71 -27.35 -2.00
C LEU D 20 -8.09 -27.87 -3.40
N THR D 21 -7.47 -28.98 -3.82
CA THR D 21 -7.76 -29.66 -5.09
C THR D 21 -9.19 -30.25 -5.04
N ALA D 22 -9.63 -30.76 -3.87
CA ALA D 22 -10.98 -31.32 -3.71
C ALA D 22 -12.05 -30.24 -3.89
N VAL D 23 -11.79 -29.01 -3.37
CA VAL D 23 -12.72 -27.87 -3.51
C VAL D 23 -12.83 -27.50 -5.00
N GLU D 24 -11.68 -27.45 -5.69
CA GLU D 24 -11.61 -27.18 -7.13
C GLU D 24 -12.45 -28.22 -7.90
N MET D 25 -12.22 -29.51 -7.65
CA MET D 25 -12.92 -30.64 -8.26
C MET D 25 -14.44 -30.56 -8.06
N GLY D 26 -14.87 -30.24 -6.84
CA GLY D 26 -16.28 -30.10 -6.51
C GLY D 26 -16.94 -28.90 -7.18
N MET D 27 -16.13 -27.85 -7.47
CA MET D 27 -16.62 -26.63 -8.11
C MET D 27 -16.99 -26.79 -9.57
N LYS D 28 -16.59 -27.91 -10.18
CA LYS D 28 -16.91 -28.18 -11.58
C LYS D 28 -18.43 -28.40 -11.79
N ASN D 29 -19.13 -28.93 -10.75
CA ASN D 29 -20.58 -29.27 -10.80
C ASN D 29 -21.37 -28.61 -9.67
N HIS D 30 -20.71 -27.90 -8.74
CA HIS D 30 -21.43 -27.27 -7.62
C HIS D 30 -21.02 -25.81 -7.46
N GLU D 31 -22.03 -24.92 -7.38
CA GLU D 31 -21.86 -23.49 -7.18
C GLU D 31 -21.22 -23.27 -5.80
N ILE D 32 -21.70 -24.03 -4.80
CA ILE D 32 -21.19 -24.03 -3.44
C ILE D 32 -20.92 -25.51 -3.15
N VAL D 33 -19.66 -25.84 -2.82
CA VAL D 33 -19.27 -27.23 -2.59
C VAL D 33 -19.51 -27.63 -1.12
N PRO D 34 -20.39 -28.62 -0.83
CA PRO D 34 -20.58 -29.04 0.57
C PRO D 34 -19.33 -29.72 1.12
N GLY D 35 -19.07 -29.51 2.41
CA GLY D 35 -17.91 -30.07 3.10
C GLY D 35 -17.83 -31.57 3.04
N SER D 36 -18.98 -32.26 3.05
CA SER D 36 -19.06 -33.72 2.96
C SER D 36 -18.52 -34.20 1.62
N LEU D 37 -18.78 -33.44 0.54
CA LEU D 37 -18.29 -33.76 -0.80
C LEU D 37 -16.79 -33.50 -0.89
N ILE D 38 -16.31 -32.37 -0.33
CA ILE D 38 -14.88 -32.05 -0.26
C ILE D 38 -14.16 -33.18 0.47
N ALA D 39 -14.69 -33.62 1.62
CA ALA D 39 -14.10 -34.70 2.44
C ALA D 39 -14.04 -36.03 1.66
N SER D 40 -15.13 -36.36 0.94
CA SER D 40 -15.24 -37.56 0.11
C SER D 40 -14.19 -37.54 -1.03
N ILE D 41 -14.02 -36.39 -1.71
CA ILE D 41 -13.04 -36.22 -2.80
C ILE D 41 -11.59 -36.23 -2.25
N ALA D 42 -11.32 -35.44 -1.19
CA ALA D 42 -9.99 -35.37 -0.57
C ALA D 42 -9.51 -36.71 -0.06
N SER D 43 -10.42 -37.56 0.48
CA SER D 43 -10.13 -38.89 1.01
C SER D 43 -8.87 -38.91 1.89
N LEU D 44 -8.84 -38.01 2.88
CA LEU D 44 -7.74 -37.89 3.85
C LEU D 44 -7.37 -39.18 4.58
N LYS D 45 -8.39 -40.01 4.92
CA LYS D 45 -8.19 -41.29 5.62
C LYS D 45 -7.97 -41.24 7.15
N HIS D 46 -7.62 -40.07 7.72
CA HIS D 46 -7.44 -39.87 9.15
CA HIS D 46 -7.51 -39.90 9.17
C HIS D 46 -8.39 -38.77 9.63
N GLY D 47 -9.12 -38.23 8.69
CA GLY D 47 -10.04 -37.13 8.93
C GLY D 47 -9.23 -35.86 9.06
N GLY D 48 -9.73 -34.91 9.83
CA GLY D 48 -9.08 -33.62 9.99
C GLY D 48 -9.39 -32.70 8.82
N CYS D 49 -10.33 -33.11 7.94
CA CYS D 49 -10.73 -32.31 6.79
C CYS D 49 -11.33 -30.94 7.19
N ASN D 50 -12.24 -30.94 8.19
CA ASN D 50 -12.89 -29.74 8.70
C ASN D 50 -11.88 -28.72 9.23
N LYS D 51 -10.83 -29.19 9.92
CA LYS D 51 -9.77 -28.34 10.46
C LYS D 51 -9.00 -27.74 9.29
N VAL D 52 -8.73 -28.54 8.21
CA VAL D 52 -8.04 -28.07 7.00
C VAL D 52 -8.90 -27.02 6.32
N LEU D 53 -10.21 -27.26 6.18
CA LEU D 53 -11.14 -26.31 5.56
C LEU D 53 -11.14 -24.95 6.30
N ARG D 54 -11.18 -24.98 7.64
CA ARG D 54 -11.13 -23.77 8.48
C ARG D 54 -9.82 -22.97 8.32
N GLU D 55 -8.67 -23.65 8.20
CA GLU D 55 -7.38 -22.98 7.94
C GLU D 55 -7.32 -22.41 6.52
N LEU D 56 -7.92 -23.12 5.53
CA LEU D 56 -7.94 -22.67 4.13
C LEU D 56 -8.79 -21.38 4.02
N VAL D 57 -9.91 -21.28 4.78
CA VAL D 57 -10.82 -20.13 4.90
C VAL D 57 -10.03 -18.96 5.53
N LYS D 58 -9.31 -19.23 6.64
CA LYS D 58 -8.47 -18.27 7.38
C LYS D 58 -7.42 -17.65 6.44
N HIS D 59 -6.78 -18.48 5.58
CA HIS D 59 -5.76 -18.06 4.62
C HIS D 59 -6.34 -17.51 3.32
N LYS D 60 -7.69 -17.37 3.24
CA LYS D 60 -8.46 -16.85 2.10
C LYS D 60 -8.20 -17.55 0.77
N LEU D 61 -7.88 -18.86 0.83
CA LEU D 61 -7.64 -19.69 -0.37
C LEU D 61 -8.97 -20.26 -0.84
N ILE D 62 -9.93 -20.39 0.11
CA ILE D 62 -11.33 -20.80 -0.13
C ILE D 62 -12.23 -19.84 0.67
N ALA D 63 -13.52 -19.80 0.33
CA ALA D 63 -14.49 -18.97 1.04
C ALA D 63 -15.71 -19.79 1.37
N TRP D 64 -16.31 -19.51 2.54
CA TRP D 64 -17.50 -20.20 2.97
C TRP D 64 -18.71 -19.43 2.45
N GLU D 65 -19.74 -20.16 1.98
CA GLU D 65 -20.96 -19.57 1.44
C GLU D 65 -22.19 -20.30 1.89
N ARG D 66 -23.31 -19.57 2.03
CA ARG D 66 -24.58 -20.19 2.39
C ARG D 66 -25.81 -19.52 1.81
N THR D 67 -26.53 -20.24 0.99
CA THR D 67 -27.74 -19.72 0.44
C THR D 67 -28.81 -20.71 0.79
N LYS D 68 -29.68 -20.35 1.74
CA LYS D 68 -30.82 -21.13 2.27
C LYS D 68 -30.90 -22.64 2.20
N THR D 69 -30.73 -23.27 1.04
CA THR D 69 -30.74 -24.72 0.98
C THR D 69 -29.34 -25.28 1.02
N VAL D 70 -28.39 -24.59 0.41
CA VAL D 70 -27.04 -25.09 0.41
C VAL D 70 -26.04 -24.25 1.17
N GLN D 71 -25.09 -24.96 1.74
CA GLN D 71 -23.99 -24.35 2.49
C GLN D 71 -22.71 -25.11 2.08
N GLY D 72 -21.59 -24.42 2.09
CA GLY D 72 -20.34 -25.01 1.68
C GLY D 72 -19.28 -24.01 1.28
N TYR D 73 -18.36 -24.45 0.40
CA TYR D 73 -17.18 -23.70 0.03
C TYR D 73 -16.97 -23.48 -1.44
N ARG D 74 -16.19 -22.45 -1.75
CA ARG D 74 -15.72 -22.12 -3.08
C ARG D 74 -14.26 -21.74 -2.99
N LEU D 75 -13.56 -21.94 -4.08
CA LEU D 75 -12.17 -21.55 -4.24
C LEU D 75 -12.16 -20.03 -4.46
N THR D 76 -11.22 -19.29 -3.87
CA THR D 76 -11.10 -17.85 -4.14
C THR D 76 -10.09 -17.74 -5.31
N ASN D 77 -9.84 -16.53 -5.82
CA ASN D 77 -8.82 -16.29 -6.88
C ASN D 77 -7.43 -16.70 -6.38
N ALA D 78 -7.11 -16.37 -5.11
CA ALA D 78 -5.84 -16.76 -4.46
C ALA D 78 -5.68 -18.32 -4.41
N GLY D 79 -6.78 -19.03 -4.11
CA GLY D 79 -6.76 -20.49 -4.08
C GLY D 79 -6.47 -21.09 -5.45
N TYR D 80 -7.14 -20.57 -6.49
CA TYR D 80 -6.98 -21.02 -7.87
C TYR D 80 -5.55 -20.72 -8.34
N ASP D 81 -5.06 -19.51 -8.04
CA ASP D 81 -3.68 -19.10 -8.40
C ASP D 81 -2.68 -20.06 -7.82
N TYR D 82 -2.82 -20.38 -6.53
CA TYR D 82 -1.91 -21.32 -5.87
C TYR D 82 -1.87 -22.68 -6.56
N LEU D 83 -3.04 -23.25 -6.91
CA LEU D 83 -3.12 -24.55 -7.59
C LEU D 83 -2.37 -24.52 -8.94
N ALA D 84 -2.58 -23.45 -9.73
CA ALA D 84 -1.91 -23.33 -11.02
C ALA D 84 -0.41 -23.14 -10.82
N LEU D 85 -0.02 -22.29 -9.86
CA LEU D 85 1.38 -22.03 -9.55
C LEU D 85 2.09 -23.23 -8.95
N LYS D 86 1.38 -24.04 -8.11
CA LYS D 86 1.96 -25.25 -7.56
C LYS D 86 2.29 -26.22 -8.69
N THR D 87 1.35 -26.40 -9.66
CA THR D 87 1.59 -27.26 -10.84
C THR D 87 2.78 -26.77 -11.67
N LEU D 88 2.83 -25.45 -11.98
CA LEU D 88 3.92 -24.87 -12.77
C LEU D 88 5.27 -24.97 -12.10
N SER D 89 5.29 -24.88 -10.76
CA SER D 89 6.48 -25.03 -9.92
C SER D 89 6.97 -26.49 -9.99
N SER D 90 6.05 -27.45 -9.90
CA SER D 90 6.36 -28.90 -9.99
C SER D 90 6.99 -29.26 -11.34
N ARG D 91 6.63 -28.53 -12.42
CA ARG D 91 7.16 -28.72 -13.77
C ARG D 91 8.46 -27.92 -13.99
N GLN D 92 8.91 -27.15 -12.97
CA GLN D 92 10.12 -26.30 -13.01
C GLN D 92 9.97 -25.09 -13.95
N VAL D 93 8.72 -24.74 -14.32
CA VAL D 93 8.41 -23.62 -15.20
C VAL D 93 8.44 -22.28 -14.42
N VAL D 94 7.84 -22.26 -13.22
CA VAL D 94 7.76 -21.06 -12.37
C VAL D 94 8.27 -21.40 -10.97
N GLU D 95 9.26 -20.64 -10.48
CA GLU D 95 9.76 -20.81 -9.12
C GLU D 95 9.29 -19.65 -8.25
N SER D 96 9.26 -18.42 -8.80
CA SER D 96 8.85 -17.22 -8.09
C SER D 96 7.97 -16.31 -8.94
N VAL D 97 7.08 -15.57 -8.27
CA VAL D 97 6.14 -14.63 -8.88
C VAL D 97 6.49 -13.26 -8.36
N GLY D 98 6.68 -12.33 -9.28
CA GLY D 98 7.03 -10.96 -8.94
C GLY D 98 5.83 -10.04 -8.95
N ASN D 99 6.09 -8.78 -9.28
CA ASN D 99 5.08 -7.73 -9.34
C ASN D 99 4.11 -7.96 -10.48
N GLN D 100 2.87 -7.53 -10.28
CA GLN D 100 1.86 -7.51 -11.34
C GLN D 100 2.28 -6.38 -12.26
N MET D 101 2.50 -6.68 -13.52
CA MET D 101 2.96 -5.65 -14.44
C MET D 101 1.86 -4.96 -15.21
N GLY D 102 0.75 -5.64 -15.38
CA GLY D 102 -0.36 -5.06 -16.12
C GLY D 102 -1.59 -5.94 -16.16
N VAL D 103 -2.44 -5.66 -17.13
CA VAL D 103 -3.72 -6.31 -17.27
C VAL D 103 -4.03 -6.56 -18.72
N GLY D 104 -4.75 -7.64 -18.98
CA GLY D 104 -5.31 -7.95 -20.28
C GLY D 104 -6.79 -7.65 -20.12
N LYS D 105 -7.60 -7.84 -21.15
CA LYS D 105 -9.04 -7.59 -21.03
C LYS D 105 -9.69 -8.42 -19.90
N GLU D 106 -9.26 -9.69 -19.75
CA GLU D 106 -9.79 -10.64 -18.78
C GLU D 106 -8.70 -11.41 -18.05
N SER D 107 -7.57 -10.76 -17.77
CA SER D 107 -6.42 -11.39 -17.12
C SER D 107 -5.51 -10.39 -16.46
N ASP D 108 -4.74 -10.88 -15.48
CA ASP D 108 -3.71 -10.15 -14.74
C ASP D 108 -2.36 -10.67 -15.22
N ILE D 109 -1.40 -9.74 -15.42
CA ILE D 109 -0.07 -10.08 -15.94
C ILE D 109 0.99 -9.86 -14.88
N TYR D 110 1.86 -10.85 -14.68
CA TYR D 110 2.96 -10.79 -13.70
C TYR D 110 4.25 -11.24 -14.34
N ILE D 111 5.38 -10.83 -13.78
CA ILE D 111 6.71 -11.30 -14.16
C ILE D 111 6.94 -12.48 -13.25
N VAL D 112 7.42 -13.59 -13.80
CA VAL D 112 7.76 -14.78 -13.04
C VAL D 112 9.19 -15.19 -13.36
N ALA D 113 9.82 -16.00 -12.50
CA ALA D 113 11.15 -16.51 -12.75
C ALA D 113 11.17 -18.01 -12.52
N ASN D 114 11.94 -18.74 -13.34
CA ASN D 114 12.15 -20.17 -13.18
C ASN D 114 13.31 -20.35 -12.15
N GLU D 115 13.70 -21.61 -11.83
CA GLU D 115 14.79 -21.88 -10.87
C GLU D 115 16.11 -21.19 -11.24
N GLU D 116 16.43 -21.16 -12.55
CA GLU D 116 17.65 -20.55 -13.11
C GLU D 116 17.67 -19.01 -13.02
N GLY D 117 16.51 -18.40 -12.74
CA GLY D 117 16.38 -16.95 -12.61
C GLY D 117 16.00 -16.23 -13.89
N GLN D 118 15.76 -16.99 -14.97
CA GLN D 118 15.30 -16.43 -16.25
C GLN D 118 13.84 -15.99 -16.07
N GLN D 119 13.53 -14.78 -16.54
CA GLN D 119 12.22 -14.16 -16.41
C GLN D 119 11.26 -14.41 -17.58
N PHE D 120 9.97 -14.57 -17.25
CA PHE D 120 8.87 -14.85 -18.17
C PHE D 120 7.67 -14.04 -17.76
N ALA D 121 6.65 -14.01 -18.61
CA ALA D 121 5.41 -13.33 -18.29
C ALA D 121 4.39 -14.42 -17.94
N LEU D 122 3.59 -14.15 -16.90
CA LEU D 122 2.51 -15.00 -16.44
C LEU D 122 1.21 -14.26 -16.60
N LYS D 123 0.23 -14.89 -17.26
CA LYS D 123 -1.09 -14.30 -17.40
C LYS D 123 -2.07 -15.20 -16.66
N LEU D 124 -2.76 -14.65 -15.66
CA LEU D 124 -3.78 -15.37 -14.91
C LEU D 124 -5.14 -14.83 -15.35
N HIS D 125 -5.89 -15.65 -16.07
CA HIS D 125 -7.18 -15.30 -16.63
C HIS D 125 -8.27 -15.35 -15.58
N ARG D 126 -9.18 -14.36 -15.60
CA ARG D 126 -10.26 -14.21 -14.63
C ARG D 126 -11.51 -13.80 -15.39
N LEU D 127 -12.47 -14.71 -15.54
CA LEU D 127 -13.71 -14.52 -16.31
C LEU D 127 -14.83 -15.29 -15.63
N GLY D 128 -16.03 -14.74 -15.64
CA GLY D 128 -17.20 -15.39 -15.05
C GLY D 128 -17.72 -14.70 -13.83
N ARG D 129 -19.05 -14.60 -13.72
CA ARG D 129 -19.72 -13.89 -12.63
C ARG D 129 -20.55 -14.81 -11.75
N THR D 130 -20.41 -16.11 -11.95
CA THR D 130 -20.99 -17.10 -11.07
C THR D 130 -19.87 -18.04 -10.64
N ASN D 147 -19.40 -18.85 -9.67
CA ASN D 147 -18.42 -19.80 -9.18
C ASN D 147 -18.14 -20.85 -10.25
N VAL D 148 -19.15 -21.60 -10.64
CA VAL D 148 -19.09 -22.60 -11.72
C VAL D 148 -18.54 -22.03 -13.03
N SER D 149 -19.14 -20.94 -13.52
CA SER D 149 -18.69 -20.35 -14.77
C SER D 149 -17.35 -19.66 -14.63
N TRP D 150 -17.03 -19.12 -13.45
CA TRP D 150 -15.71 -18.52 -13.22
C TRP D 150 -14.61 -19.60 -13.38
N LEU D 151 -14.80 -20.78 -12.75
CA LEU D 151 -13.82 -21.86 -12.87
C LEU D 151 -13.58 -22.35 -14.33
N TYR D 152 -14.68 -22.63 -15.06
CA TYR D 152 -14.69 -23.06 -16.46
C TYR D 152 -14.19 -21.97 -17.42
N LEU D 153 -14.77 -20.73 -17.34
CA LEU D 153 -14.40 -19.64 -18.25
C LEU D 153 -12.97 -19.18 -18.10
N SER D 154 -12.45 -19.11 -16.86
CA SER D 154 -11.07 -18.67 -16.62
C SER D 154 -10.10 -19.67 -17.23
N ARG D 155 -10.41 -20.98 -17.11
CA ARG D 155 -9.60 -22.06 -17.67
C ARG D 155 -9.68 -22.03 -19.22
N LEU D 156 -10.90 -21.90 -19.77
CA LEU D 156 -11.08 -21.83 -21.23
C LEU D 156 -10.38 -20.60 -21.83
N SER D 157 -10.47 -19.44 -21.15
CA SER D 157 -9.84 -18.21 -21.61
C SER D 157 -8.30 -18.42 -21.72
N ALA D 158 -7.68 -19.09 -20.73
CA ALA D 158 -6.23 -19.35 -20.72
C ALA D 158 -5.85 -20.39 -21.78
N MET D 159 -6.70 -21.41 -21.95
CA MET D 159 -6.53 -22.46 -22.96
C MET D 159 -6.55 -21.84 -24.37
N LYS D 160 -7.56 -21.01 -24.63
CA LYS D 160 -7.76 -20.33 -25.92
C LYS D 160 -6.54 -19.43 -26.22
N GLU D 161 -6.06 -18.71 -25.22
CA GLU D 161 -4.89 -17.83 -25.38
C GLU D 161 -3.64 -18.67 -25.75
N PHE D 162 -3.41 -19.77 -25.03
CA PHE D 162 -2.27 -20.65 -25.30
C PHE D 162 -2.37 -21.22 -26.70
N ALA D 163 -3.56 -21.73 -27.09
CA ALA D 163 -3.79 -22.31 -28.42
C ALA D 163 -3.61 -21.29 -29.55
N TYR D 164 -4.17 -20.07 -29.39
CA TYR D 164 -3.98 -19.01 -30.41
C TYR D 164 -2.58 -18.46 -30.43
N MET D 165 -1.94 -18.32 -29.26
CA MET D 165 -0.58 -17.81 -29.21
C MET D 165 0.34 -18.80 -29.92
N LYS D 166 0.12 -20.11 -29.73
CA LYS D 166 0.91 -21.17 -30.38
C LYS D 166 0.72 -21.12 -31.90
N ALA D 167 -0.54 -21.06 -32.37
CA ALA D 167 -0.94 -20.99 -33.78
C ALA D 167 -0.41 -19.74 -34.46
N LEU D 168 -0.44 -18.59 -33.77
CA LEU D 168 0.09 -17.33 -34.31
C LEU D 168 1.62 -17.30 -34.31
N TYR D 169 2.25 -17.77 -33.22
CA TYR D 169 3.72 -17.79 -33.14
C TYR D 169 4.34 -18.66 -34.24
N GLU D 170 3.71 -19.81 -34.58
CA GLU D 170 4.18 -20.73 -35.61
C GLU D 170 4.02 -20.12 -37.00
N ARG D 171 3.16 -19.12 -37.14
CA ARG D 171 2.95 -18.41 -38.41
C ARG D 171 3.75 -17.10 -38.47
N LYS D 172 4.76 -16.97 -37.60
CA LYS D 172 5.65 -15.82 -37.53
C LYS D 172 4.93 -14.48 -37.21
N PHE D 173 3.82 -14.53 -36.43
CA PHE D 173 3.13 -13.32 -36.01
C PHE D 173 3.94 -12.71 -34.84
N PRO D 174 3.90 -11.38 -34.63
CA PRO D 174 4.60 -10.81 -33.46
C PRO D 174 3.77 -10.97 -32.15
N VAL D 175 3.91 -12.16 -31.56
CA VAL D 175 3.22 -12.56 -30.31
C VAL D 175 4.31 -13.14 -29.41
N PRO D 176 4.16 -13.16 -28.06
CA PRO D 176 5.20 -13.80 -27.24
C PRO D 176 5.27 -15.30 -27.53
N LYS D 177 6.44 -15.91 -27.37
CA LYS D 177 6.53 -17.36 -27.53
C LYS D 177 5.77 -18.03 -26.36
N PRO D 178 4.80 -18.95 -26.62
CA PRO D 178 4.10 -19.62 -25.50
C PRO D 178 4.99 -20.68 -24.87
N ILE D 179 5.04 -20.73 -23.53
CA ILE D 179 5.93 -21.65 -22.81
C ILE D 179 5.14 -22.79 -22.20
N ASP D 180 4.15 -22.47 -21.36
CA ASP D 180 3.35 -23.47 -20.69
C ASP D 180 1.99 -22.97 -20.33
N TYR D 181 1.13 -23.90 -19.90
CA TYR D 181 -0.24 -23.65 -19.55
C TYR D 181 -0.68 -24.60 -18.41
N ASN D 182 -1.51 -24.08 -17.49
CA ASN D 182 -2.22 -24.84 -16.44
C ASN D 182 -3.40 -24.06 -15.93
N ARG D 183 -4.60 -24.68 -15.92
CA ARG D 183 -5.82 -24.07 -15.40
C ARG D 183 -6.10 -22.73 -16.10
N HIS D 184 -6.07 -21.64 -15.35
CA HIS D 184 -6.30 -20.29 -15.85
C HIS D 184 -4.98 -19.52 -16.08
N ALA D 185 -3.84 -20.24 -16.01
CA ALA D 185 -2.50 -19.65 -16.12
C ALA D 185 -1.81 -19.95 -17.45
N VAL D 186 -1.18 -18.93 -18.04
CA VAL D 186 -0.39 -19.07 -19.27
C VAL D 186 0.96 -18.44 -18.96
N VAL D 187 2.02 -19.20 -19.26
CA VAL D 187 3.40 -18.75 -19.12
C VAL D 187 3.90 -18.53 -20.54
N MET D 188 4.52 -17.38 -20.77
CA MET D 188 5.00 -17.01 -22.09
C MET D 188 6.28 -16.17 -21.98
N GLU D 189 6.90 -15.88 -23.12
CA GLU D 189 8.07 -15.04 -23.26
C GLU D 189 7.77 -13.64 -22.69
N LEU D 190 8.69 -13.09 -21.92
CA LEU D 190 8.60 -11.74 -21.41
C LEU D 190 9.16 -10.81 -22.50
N ILE D 191 8.34 -9.91 -23.02
CA ILE D 191 8.74 -8.96 -24.04
C ILE D 191 9.39 -7.77 -23.36
N ASN D 192 10.55 -7.35 -23.87
CA ASN D 192 11.26 -6.21 -23.32
C ASN D 192 10.80 -4.93 -23.98
N GLY D 193 9.81 -4.32 -23.36
CA GLY D 193 9.21 -3.08 -23.81
C GLY D 193 8.12 -2.58 -22.89
N TYR D 194 7.28 -1.70 -23.41
CA TYR D 194 6.21 -1.07 -22.66
C TYR D 194 4.98 -1.02 -23.51
N PRO D 195 3.76 -1.06 -22.91
CA PRO D 195 2.56 -0.93 -23.74
C PRO D 195 2.59 0.44 -24.37
N LEU D 196 2.12 0.51 -25.61
CA LEU D 196 2.06 1.72 -26.41
C LEU D 196 1.40 2.90 -25.64
N CYS D 197 0.42 2.61 -24.76
CA CYS D 197 -0.26 3.62 -23.93
C CYS D 197 0.69 4.39 -23.01
N GLN D 198 1.81 3.77 -22.61
CA GLN D 198 2.81 4.40 -21.75
C GLN D 198 3.91 5.12 -22.54
N ILE D 199 3.84 5.09 -23.89
CA ILE D 199 4.84 5.74 -24.74
C ILE D 199 4.36 7.12 -25.23
N HIS D 200 5.10 8.15 -24.90
CA HIS D 200 4.74 9.53 -25.28
C HIS D 200 5.62 10.09 -26.38
N HIS D 201 6.79 9.46 -26.60
CA HIS D 201 7.75 9.84 -27.63
C HIS D 201 8.30 8.65 -28.37
N VAL D 202 8.24 8.71 -29.70
CA VAL D 202 8.75 7.72 -30.63
C VAL D 202 9.47 8.49 -31.76
N GLU D 203 10.63 8.00 -32.20
CA GLU D 203 11.45 8.66 -33.22
C GLU D 203 10.71 8.87 -34.53
N ASP D 204 10.06 7.81 -35.02
CA ASP D 204 9.33 7.84 -36.28
C ASP D 204 7.91 7.27 -36.10
N PRO D 205 6.90 8.13 -35.78
CA PRO D 205 5.52 7.63 -35.60
C PRO D 205 4.96 6.89 -36.81
N ALA D 206 5.35 7.31 -38.03
CA ALA D 206 4.89 6.68 -39.28
C ALA D 206 5.26 5.19 -39.37
N SER D 207 6.45 4.81 -38.92
CA SER D 207 6.92 3.43 -38.94
C SER D 207 6.18 2.53 -37.96
N VAL D 208 5.84 3.07 -36.78
CA VAL D 208 5.11 2.33 -35.76
C VAL D 208 3.65 2.19 -36.20
N TYR D 209 3.08 3.26 -36.78
CA TYR D 209 1.72 3.29 -37.33
C TYR D 209 1.61 2.21 -38.41
N ASP D 210 2.55 2.21 -39.38
CA ASP D 210 2.61 1.24 -40.48
C ASP D 210 2.70 -0.17 -39.97
N GLU D 211 3.48 -0.39 -38.90
CA GLU D 211 3.65 -1.71 -38.30
C GLU D 211 2.37 -2.21 -37.65
N ALA D 212 1.60 -1.29 -37.00
CA ALA D 212 0.33 -1.65 -36.38
C ALA D 212 -0.70 -1.97 -37.45
N MET D 213 -0.77 -1.17 -38.53
CA MET D 213 -1.67 -1.41 -39.66
C MET D 213 -1.36 -2.71 -40.40
N GLU D 214 -0.06 -3.03 -40.59
CA GLU D 214 0.40 -4.27 -41.24
C GLU D 214 -0.01 -5.49 -40.42
N LEU D 215 -0.05 -5.36 -39.07
CA LEU D 215 -0.48 -6.45 -38.16
C LEU D 215 -1.97 -6.73 -38.35
N ILE D 216 -2.80 -5.70 -38.45
CA ILE D 216 -4.24 -5.83 -38.73
C ILE D 216 -4.42 -6.58 -40.05
N VAL D 217 -3.65 -6.20 -41.11
CA VAL D 217 -3.71 -6.81 -42.45
C VAL D 217 -3.32 -8.29 -42.39
N LYS D 218 -2.16 -8.62 -41.78
CA LYS D 218 -1.65 -9.99 -41.65
C LYS D 218 -2.65 -10.88 -40.93
N LEU D 219 -3.25 -10.37 -39.83
CA LEU D 219 -4.29 -11.09 -39.09
C LEU D 219 -5.47 -11.43 -40.00
N ALA D 220 -5.98 -10.42 -40.75
CA ALA D 220 -7.12 -10.58 -41.65
C ALA D 220 -6.82 -11.56 -42.78
N ASN D 221 -5.58 -11.55 -43.33
CA ASN D 221 -5.14 -12.52 -44.36
C ASN D 221 -5.09 -13.93 -43.79
N HIS D 222 -5.01 -14.06 -42.45
CA HIS D 222 -5.04 -15.36 -41.80
C HIS D 222 -6.45 -15.69 -41.24
N GLY D 223 -7.45 -14.89 -41.61
CA GLY D 223 -8.85 -15.09 -41.22
C GLY D 223 -9.27 -14.53 -39.88
N LEU D 224 -8.47 -13.62 -39.31
CA LEU D 224 -8.75 -13.06 -37.99
C LEU D 224 -8.84 -11.57 -37.91
N ILE D 225 -9.72 -11.10 -37.02
CA ILE D 225 -9.84 -9.67 -36.68
C ILE D 225 -9.65 -9.64 -35.17
N HIS D 226 -8.71 -8.85 -34.69
CA HIS D 226 -8.39 -8.78 -33.26
C HIS D 226 -9.61 -8.47 -32.37
N GLY D 227 -10.36 -7.41 -32.73
CA GLY D 227 -11.55 -7.02 -31.98
C GLY D 227 -11.34 -6.02 -30.86
N ASP D 228 -10.11 -5.94 -30.32
CA ASP D 228 -9.72 -5.03 -29.21
C ASP D 228 -8.34 -4.45 -29.49
N PHE D 229 -8.02 -4.20 -30.77
CA PHE D 229 -6.70 -3.75 -31.19
C PHE D 229 -6.42 -2.33 -30.66
N ASN D 230 -5.47 -2.21 -29.71
CA ASN D 230 -5.23 -0.92 -29.06
C ASN D 230 -3.89 -0.78 -28.40
N GLU D 231 -3.66 0.40 -27.82
CA GLU D 231 -2.45 0.81 -27.13
C GLU D 231 -2.17 0.05 -25.83
N PHE D 232 -3.18 -0.62 -25.27
CA PHE D 232 -3.05 -1.39 -24.02
C PHE D 232 -2.54 -2.80 -24.24
N ASN D 233 -2.73 -3.34 -25.44
CA ASN D 233 -2.30 -4.73 -25.68
C ASN D 233 -1.19 -4.92 -26.73
N LEU D 234 -0.57 -3.79 -27.14
CA LEU D 234 0.56 -3.75 -28.07
C LEU D 234 1.74 -3.22 -27.32
N ILE D 235 2.77 -4.04 -27.20
CA ILE D 235 4.01 -3.68 -26.53
C ILE D 235 5.00 -3.20 -27.56
N LEU D 236 5.68 -2.09 -27.25
CA LEU D 236 6.70 -1.50 -28.07
C LEU D 236 8.04 -1.77 -27.42
N ASP D 237 8.92 -2.46 -28.13
CA ASP D 237 10.27 -2.72 -27.59
C ASP D 237 11.21 -1.51 -27.87
N GLU D 238 12.49 -1.63 -27.47
CA GLU D 238 13.49 -0.57 -27.65
C GLU D 238 13.77 -0.20 -29.12
N SER D 239 13.45 -1.13 -30.07
CA SER D 239 13.63 -0.93 -31.52
C SER D 239 12.34 -0.48 -32.20
N ASP D 240 11.32 -0.10 -31.41
CA ASP D 240 10.01 0.35 -31.90
C ASP D 240 9.24 -0.71 -32.69
N HIS D 241 9.44 -1.99 -32.30
CA HIS D 241 8.78 -3.16 -32.88
CA HIS D 241 8.72 -3.10 -32.89
C HIS D 241 7.60 -3.51 -31.96
N ILE D 242 6.45 -3.82 -32.55
CA ILE D 242 5.22 -4.14 -31.81
C ILE D 242 5.01 -5.64 -31.59
N THR D 243 4.62 -6.02 -30.36
CA THR D 243 4.21 -7.38 -30.01
C THR D 243 2.79 -7.26 -29.47
N MET D 244 1.93 -8.17 -29.93
CA MET D 244 0.52 -8.29 -29.55
C MET D 244 0.51 -9.30 -28.37
N ILE D 245 -0.02 -8.90 -27.21
CA ILE D 245 0.03 -9.72 -25.97
C ILE D 245 -1.33 -10.15 -25.37
N ASP D 246 -2.43 -9.71 -25.97
CA ASP D 246 -3.77 -10.02 -25.49
C ASP D 246 -4.71 -10.00 -26.68
N PHE D 247 -5.51 -11.08 -26.88
CA PHE D 247 -6.46 -11.21 -28.01
C PHE D 247 -7.60 -12.14 -27.55
N PRO D 248 -8.41 -11.72 -26.56
CA PRO D 248 -9.42 -12.64 -26.01
C PRO D 248 -10.65 -12.93 -26.84
N GLN D 249 -11.05 -12.00 -27.74
CA GLN D 249 -12.31 -12.09 -28.46
C GLN D 249 -12.17 -11.81 -29.94
N MET D 250 -11.24 -12.50 -30.60
CA MET D 250 -11.02 -12.34 -32.03
C MET D 250 -12.24 -12.78 -32.83
N VAL D 251 -12.50 -12.06 -33.91
CA VAL D 251 -13.65 -12.27 -34.78
C VAL D 251 -13.09 -12.89 -36.09
N SER D 252 -13.83 -13.84 -36.67
CA SER D 252 -13.46 -14.43 -37.94
C SER D 252 -13.76 -13.43 -39.07
N THR D 253 -12.94 -13.41 -40.15
CA THR D 253 -13.20 -12.53 -41.30
C THR D 253 -14.47 -12.99 -42.06
N SER D 254 -14.98 -14.18 -41.71
CA SER D 254 -16.21 -14.77 -42.25
C SER D 254 -17.45 -14.30 -41.47
N HIS D 255 -17.28 -13.61 -40.32
CA HIS D 255 -18.40 -13.11 -39.52
C HIS D 255 -19.28 -12.21 -40.39
N PRO D 256 -20.64 -12.25 -40.30
CA PRO D 256 -21.46 -11.36 -41.14
C PRO D 256 -21.10 -9.87 -41.03
N ASN D 257 -20.57 -9.44 -39.87
CA ASN D 257 -20.19 -8.04 -39.63
C ASN D 257 -18.69 -7.84 -39.49
N ALA D 258 -17.90 -8.73 -40.11
CA ALA D 258 -16.43 -8.70 -40.06
C ALA D 258 -15.86 -7.34 -40.47
N GLU D 259 -16.40 -6.73 -41.54
CA GLU D 259 -15.90 -5.45 -42.04
C GLU D 259 -15.94 -4.35 -40.99
N TRP D 260 -17.04 -4.28 -40.23
CA TRP D 260 -17.21 -3.30 -39.16
C TRP D 260 -16.13 -3.51 -38.09
N TYR D 261 -15.88 -4.78 -37.66
CA TYR D 261 -14.87 -5.11 -36.66
C TYR D 261 -13.47 -4.76 -37.13
N PHE D 262 -13.19 -5.02 -38.43
CA PHE D 262 -11.92 -4.69 -39.07
C PHE D 262 -11.72 -3.16 -39.06
N ASP D 263 -12.74 -2.38 -39.51
CA ASP D 263 -12.71 -0.92 -39.58
C ASP D 263 -12.59 -0.31 -38.20
N ARG D 264 -13.23 -0.92 -37.19
CA ARG D 264 -13.16 -0.44 -35.82
C ARG D 264 -11.73 -0.55 -35.29
N ASP D 265 -11.04 -1.71 -35.56
CA ASP D 265 -9.64 -1.90 -35.14
C ASP D 265 -8.72 -0.85 -35.79
N VAL D 266 -8.90 -0.61 -37.12
CA VAL D 266 -8.13 0.39 -37.90
C VAL D 266 -8.34 1.80 -37.30
N LYS D 267 -9.61 2.16 -37.05
CA LYS D 267 -9.95 3.47 -36.48
C LYS D 267 -9.40 3.70 -35.09
N CYS D 268 -9.36 2.68 -34.22
CA CYS D 268 -8.80 2.80 -32.87
C CYS D 268 -7.32 3.15 -32.92
N ILE D 269 -6.58 2.51 -33.84
CA ILE D 269 -5.16 2.80 -34.05
C ILE D 269 -4.94 4.23 -34.56
N LYS D 270 -5.76 4.66 -35.54
CA LYS D 270 -5.71 6.00 -36.12
C LYS D 270 -5.99 7.04 -35.02
N ASP D 271 -7.01 6.78 -34.19
CA ASP D 271 -7.37 7.63 -33.07
C ASP D 271 -6.19 7.82 -32.11
N PHE D 272 -5.54 6.69 -31.69
CA PHE D 272 -4.38 6.76 -30.78
C PHE D 272 -3.19 7.53 -31.41
N PHE D 273 -2.85 7.23 -32.67
CA PHE D 273 -1.74 7.89 -33.38
C PHE D 273 -1.90 9.39 -33.55
N MET D 274 -3.14 9.85 -33.76
CA MET D 274 -3.47 11.26 -33.86
C MET D 274 -3.42 11.91 -32.47
N LYS D 275 -4.04 11.29 -31.46
CA LYS D 275 -4.07 11.80 -30.10
C LYS D 275 -2.70 11.86 -29.43
N ARG D 276 -1.93 10.78 -29.53
CA ARG D 276 -0.62 10.68 -28.89
C ARG D 276 0.55 11.29 -29.66
N PHE D 277 0.64 11.02 -30.97
CA PHE D 277 1.79 11.49 -31.75
C PHE D 277 1.49 12.58 -32.76
N SER D 278 0.23 13.05 -32.81
CA SER D 278 -0.26 14.05 -33.77
C SER D 278 0.03 13.56 -35.20
N TYR D 279 0.02 12.22 -35.38
CA TYR D 279 0.30 11.57 -36.63
C TYR D 279 -0.97 11.02 -37.27
N GLU D 280 -1.14 11.37 -38.55
CA GLU D 280 -2.25 10.97 -39.39
C GLU D 280 -1.69 10.54 -40.73
N SER D 281 -2.40 9.62 -41.39
CA SER D 281 -2.05 9.11 -42.72
C SER D 281 -3.33 8.76 -43.47
N GLU D 282 -3.29 8.87 -44.79
CA GLU D 282 -4.40 8.52 -45.69
C GLU D 282 -4.20 7.07 -46.19
N LEU D 283 -3.07 6.45 -45.79
CA LEU D 283 -2.67 5.09 -46.10
C LEU D 283 -3.02 4.16 -44.94
N PHE D 284 -4.23 3.62 -44.98
CA PHE D 284 -4.74 2.70 -43.95
C PHE D 284 -5.48 1.53 -44.62
N PRO D 285 -5.52 0.34 -43.98
CA PRO D 285 -6.16 -0.82 -44.61
C PRO D 285 -7.66 -0.71 -44.82
N THR D 286 -8.13 -1.40 -45.86
CA THR D 286 -9.51 -1.53 -46.30
C THR D 286 -9.81 -3.04 -46.25
N PHE D 287 -11.01 -3.43 -45.83
CA PHE D 287 -11.41 -4.83 -45.75
C PHE D 287 -11.43 -5.53 -47.12
N LYS D 288 -11.72 -4.78 -48.21
CA LYS D 288 -11.74 -5.34 -49.59
C LYS D 288 -10.35 -5.75 -50.08
N ASP D 289 -9.29 -5.17 -49.49
CA ASP D 289 -7.89 -5.44 -49.78
C ASP D 289 -7.35 -6.74 -49.14
N ILE D 290 -8.16 -7.46 -48.30
CA ILE D 290 -7.67 -8.71 -47.71
C ILE D 290 -7.60 -9.84 -48.73
N ARG D 291 -6.42 -10.50 -48.80
CA ARG D 291 -6.18 -11.65 -49.66
C ARG D 291 -5.87 -12.90 -48.82
N ARG D 292 -6.91 -13.72 -48.61
CA ARG D 292 -6.88 -14.95 -47.81
C ARG D 292 -5.91 -16.00 -48.37
N LEU D 296 -3.09 -25.35 -42.26
CA LEU D 296 -3.00 -24.25 -43.23
C LEU D 296 -3.93 -23.06 -42.95
N ASP D 297 -4.59 -23.09 -41.77
CA ASP D 297 -5.51 -22.09 -41.23
C ASP D 297 -5.33 -22.01 -39.70
N VAL D 298 -5.09 -20.79 -39.15
CA VAL D 298 -4.87 -20.50 -37.72
C VAL D 298 -5.97 -21.03 -36.78
N GLU D 299 -7.25 -20.85 -37.15
CA GLU D 299 -8.40 -21.36 -36.40
C GLU D 299 -8.39 -22.89 -36.31
N VAL D 300 -8.05 -23.58 -37.41
CA VAL D 300 -7.95 -25.05 -37.47
C VAL D 300 -6.82 -25.52 -36.52
N SER D 301 -5.64 -24.87 -36.59
CA SER D 301 -4.50 -25.20 -35.72
C SER D 301 -4.86 -24.92 -34.25
N ALA D 302 -5.44 -23.73 -33.95
CA ALA D 302 -5.83 -23.36 -32.59
C ALA D 302 -6.88 -24.30 -32.02
N SER D 303 -7.88 -24.70 -32.84
CA SER D 303 -8.93 -25.62 -32.38
C SER D 303 -8.32 -26.99 -32.07
N GLY D 304 -7.36 -27.44 -32.90
CA GLY D 304 -6.64 -28.70 -32.72
C GLY D 304 -5.88 -28.68 -31.40
N TYR D 305 -5.18 -27.57 -31.09
CA TYR D 305 -4.45 -27.42 -29.83
C TYR D 305 -5.42 -27.38 -28.65
N THR D 306 -6.55 -26.67 -28.76
CA THR D 306 -7.57 -26.61 -27.68
C THR D 306 -8.12 -28.03 -27.37
N LYS D 307 -8.44 -28.83 -28.40
CA LYS D 307 -8.93 -30.22 -28.20
C LYS D 307 -7.88 -31.09 -27.50
N GLU D 308 -6.58 -30.91 -27.83
CA GLU D 308 -5.47 -31.64 -27.19
C GLU D 308 -5.43 -31.29 -25.70
N MET D 309 -5.53 -30.00 -25.39
CA MET D 309 -5.53 -29.49 -24.01
C MET D 309 -6.80 -29.94 -23.25
N GLN D 310 -7.98 -29.89 -23.90
CA GLN D 310 -9.24 -30.33 -23.28
C GLN D 310 -9.22 -31.82 -22.89
N ALA D 311 -8.51 -32.66 -23.69
CA ALA D 311 -8.37 -34.10 -23.46
C ALA D 311 -7.62 -34.39 -22.15
N ASP D 312 -6.62 -33.56 -21.82
CA ASP D 312 -5.78 -33.66 -20.61
C ASP D 312 -6.40 -32.99 -19.36
N ASP D 313 -7.41 -32.13 -19.55
CA ASP D 313 -8.10 -31.43 -18.46
C ASP D 313 -8.97 -32.35 -17.61
PG ANP E . 37.09 9.66 10.14
O1G ANP E . 36.52 9.12 8.89
O2G ANP E . 36.76 8.78 11.31
O3G ANP E . 38.56 9.81 9.94
PB ANP E . 36.08 12.21 9.14
O1B ANP E . 34.64 12.77 9.39
O2B ANP E . 36.12 11.50 7.85
N3B ANP E . 36.42 11.15 10.35
PA ANP E . 38.79 12.99 9.22
O1A ANP E . 39.13 11.88 8.22
O2A ANP E . 39.56 14.21 8.91
O3A ANP E . 37.22 13.29 9.16
O5' ANP E . 39.15 12.48 10.69
C5' ANP E . 40.51 12.30 11.13
C4' ANP E . 40.51 11.44 12.38
O4' ANP E . 39.31 11.70 13.17
C3' ANP E . 40.56 9.94 12.16
O3' ANP E . 41.72 9.38 12.75
C2' ANP E . 39.22 9.45 12.72
O2' ANP E . 39.13 8.12 13.23
C1' ANP E . 38.95 10.48 13.79
N9 ANP E . 37.58 10.55 14.30
C8 ANP E . 36.43 10.78 13.61
N7 ANP E . 35.36 10.91 14.38
C5 ANP E . 35.86 10.75 15.66
C6 ANP E . 35.26 10.87 16.93
N6 ANP E . 34.05 11.40 17.12
N1 ANP E . 36.03 10.63 18.01
C2 ANP E . 37.33 10.34 17.83
N3 ANP E . 38.01 10.27 16.69
C4 ANP E . 37.22 10.50 15.63
NA NA F . 31.76 4.29 36.36
PG ANP G . -40.41 -8.57 -37.48
O1G ANP G . -41.34 -9.30 -36.59
O2G ANP G . -39.01 -9.05 -37.28
O3G ANP G . -40.83 -8.76 -38.90
PB ANP G . -40.07 -5.73 -38.16
O1B ANP G . -41.08 -5.65 -39.24
O2B ANP G . -40.04 -4.39 -37.33
N3B ANP G . -40.47 -6.96 -37.14
PA ANP G . -38.08 -6.87 -40.02
O1A ANP G . -38.53 -6.27 -41.29
O2A ANP G . -38.54 -8.32 -39.97
O3A ANP G . -38.64 -6.03 -38.79
O5' ANP G . -36.48 -6.83 -39.94
C5' ANP G . -35.77 -7.85 -39.21
C4' ANP G . -34.92 -7.24 -38.14
O4' ANP G . -35.72 -6.92 -36.99
C3' ANP G . -33.81 -8.16 -37.62
O3' ANP G . -32.59 -7.94 -38.32
C2' ANP G . -33.72 -7.85 -36.12
O2' ANP G . -32.46 -7.31 -35.76
C1' ANP G . -34.85 -6.86 -35.87
N9 ANP G . -35.64 -7.10 -34.65
C8 ANP G . -36.92 -6.65 -34.43
N7 ANP G . -37.39 -6.97 -33.26
C5 ANP G . -36.36 -7.69 -32.66
C6 ANP G . -36.26 -8.35 -31.42
N6 ANP G . -37.21 -8.37 -30.50
N1 ANP G . -35.11 -9.03 -31.17
C2 ANP G . -34.16 -9.05 -32.10
N3 ANP G . -34.15 -8.46 -33.30
C4 ANP G . -35.28 -7.78 -33.52
NA NA H . -33.12 -7.37 -11.08
#